data_8SVA
#
_entry.id   8SVA
#
_cell.length_a   128.894
_cell.length_b   128.894
_cell.length_c   113.929
_cell.angle_alpha   90.00
_cell.angle_beta   90.00
_cell.angle_gamma   120.00
#
_symmetry.space_group_name_H-M   'P 65'
#
loop_
_entity.id
_entity.type
_entity.pdbx_description
1 polymer 'TetR/AcrR family transcriptional regulator'
2 polymer "DNA (5'-D(*TP*AP*GP*AP*TP*AP*CP*TP*CP*CP*GP*GP*AP*GP*TP*AP*TP*CP*TP*A)-3')"
3 non-polymer 'PHOSPHATE ION'
4 water water
#
loop_
_entity_poly.entity_id
_entity_poly.type
_entity_poly.pdbx_seq_one_letter_code
_entity_poly.pdbx_strand_id
1 'polypeptide(L)'
;GSH(MSE)SASAEPESDVKGRILDAAADAF(MSE)LRGFANTTIDDIADDVGATKGLIYYHFRSKFDIFLAVYEDG
(MSE)RRVRERVEPYVGAPGTGRQRLVA(MSE)SVAHVENL(MSE)IDLGYHHVVHQGVRDQASTALKVRQRDALAALNE
LRRDYER(MSE)FHHVITEGIADGSLRNVDDALATRTLLSNLNAVDVWYRKIEGQTEKEVHDLASQVVDLLIGGIGATAD
;
A,F,G,T
2 'polydeoxyribonucleotide' (DT)(DA)(DG)(DA)(DT)(DA)(DC)(DT)(DC)(DC)(DG)(DG)(DA)(DG)(DT)(DA)(DT)(DC)(DT)(DA) B,D
#
# COMPACT_ATOMS: atom_id res chain seq x y z
N GLU A 11 24.22 1.53 14.39
CA GLU A 11 23.71 2.90 14.46
C GLU A 11 22.36 2.94 15.19
N SER A 12 22.40 2.89 16.51
CA SER A 12 21.19 2.99 17.32
C SER A 12 21.59 3.44 18.72
N ASP A 13 21.33 4.70 19.05
CA ASP A 13 21.64 5.23 20.37
C ASP A 13 20.44 5.17 21.30
N VAL A 14 19.38 5.88 20.95
CA VAL A 14 18.09 5.73 21.60
C VAL A 14 17.08 5.06 20.69
N LYS A 15 17.30 5.10 19.36
CA LYS A 15 16.58 4.24 18.44
C LYS A 15 16.63 2.78 18.88
N GLY A 16 17.80 2.34 19.37
CA GLY A 16 17.94 0.96 19.80
C GLY A 16 16.98 0.58 20.91
N ARG A 17 16.81 1.46 21.90
CA ARG A 17 15.92 1.15 23.00
C ARG A 17 14.44 1.30 22.65
N ILE A 18 14.12 2.02 21.57
CA ILE A 18 12.76 1.98 21.03
C ILE A 18 12.50 0.63 20.38
N LEU A 19 13.40 0.22 19.48
CA LEU A 19 13.32 -1.08 18.84
C LEU A 19 13.25 -2.20 19.88
N ASP A 20 14.06 -2.09 20.94
CA ASP A 20 14.12 -3.14 21.95
C ASP A 20 12.79 -3.26 22.69
N ALA A 21 12.22 -2.14 23.11
CA ALA A 21 10.99 -2.18 23.91
C ALA A 21 9.79 -2.60 23.07
N ALA A 22 9.70 -2.11 21.83
CA ALA A 22 8.59 -2.48 20.97
C ALA A 22 8.65 -3.95 20.56
N ALA A 23 9.86 -4.51 20.46
CA ALA A 23 10.00 -5.92 20.09
C ALA A 23 9.35 -6.83 21.13
N ASP A 24 9.56 -6.54 22.42
CA ASP A 24 8.92 -7.32 23.47
C ASP A 24 7.40 -7.20 23.40
N ALA A 25 6.90 -5.97 23.24
CA ALA A 25 5.45 -5.75 23.23
C ALA A 25 4.78 -6.48 22.09
N PHE A 26 5.39 -6.41 20.91
CA PHE A 26 4.82 -7.10 19.74
C PHE A 26 4.81 -8.60 20.04
N LEU A 28 4.48 -10.05 23.26
CA LEU A 28 3.64 -10.42 24.37
C LEU A 28 2.17 -10.03 24.19
N ARG A 29 1.90 -9.00 23.37
CA ARG A 29 0.51 -8.62 23.12
C ARG A 29 0.25 -8.33 21.64
N GLY A 30 1.10 -8.83 20.74
CA GLY A 30 0.86 -8.70 19.31
C GLY A 30 1.08 -7.32 18.74
N PHE A 31 1.36 -7.23 17.44
CA PHE A 31 1.56 -5.93 16.81
C PHE A 31 0.30 -5.07 16.87
N ALA A 32 -0.88 -5.71 16.88
CA ALA A 32 -2.13 -4.97 16.85
C ALA A 32 -2.33 -4.14 18.11
N ASN A 33 -2.11 -4.76 19.28
CA ASN A 33 -2.61 -4.22 20.54
C ASN A 33 -1.56 -3.42 21.31
N THR A 34 -0.42 -3.12 20.71
CA THR A 34 0.58 -2.26 21.33
C THR A 34 0.47 -0.87 20.72
N THR A 35 0.16 0.12 21.53
CA THR A 35 0.05 1.49 21.04
C THR A 35 1.40 2.20 21.16
N ILE A 36 1.51 3.35 20.52
CA ILE A 36 2.76 4.09 20.54
C ILE A 36 3.02 4.68 21.93
N ASP A 37 1.96 5.14 22.61
CA ASP A 37 2.15 5.58 23.99
C ASP A 37 2.23 4.40 24.96
N ASP A 38 2.01 3.16 24.50
CA ASP A 38 2.52 2.01 25.22
C ASP A 38 4.03 1.96 25.13
N ILE A 39 4.57 1.97 23.90
CA ILE A 39 6.01 2.00 23.68
C ILE A 39 6.63 3.22 24.33
N ALA A 40 5.89 4.33 24.38
CA ALA A 40 6.38 5.54 25.03
C ALA A 40 6.67 5.30 26.51
N ASP A 41 5.70 4.74 27.23
CA ASP A 41 5.90 4.45 28.65
C ASP A 41 7.06 3.49 28.84
N ASP A 42 7.18 2.49 27.97
CA ASP A 42 8.21 1.47 28.13
C ASP A 42 9.61 2.05 28.10
N VAL A 43 9.81 3.18 27.42
CA VAL A 43 11.11 3.83 27.35
C VAL A 43 11.14 5.14 28.10
N GLY A 44 10.11 5.45 28.87
CA GLY A 44 10.14 6.60 29.76
C GLY A 44 9.83 7.94 29.15
N ALA A 45 9.37 7.99 27.89
CA ALA A 45 9.00 9.24 27.26
C ALA A 45 7.57 9.15 26.73
N THR A 46 7.15 10.10 25.91
CA THR A 46 5.82 10.07 25.34
C THR A 46 5.88 9.80 23.84
N LYS A 47 4.70 9.78 23.21
CA LYS A 47 4.55 9.38 21.82
C LYS A 47 5.36 10.26 20.87
N GLY A 48 5.57 11.53 21.24
CA GLY A 48 6.24 12.45 20.34
C GLY A 48 7.67 12.07 20.04
N LEU A 49 8.38 11.48 21.01
CA LEU A 49 9.76 11.06 20.77
C LEU A 49 9.82 9.95 19.73
N ILE A 50 8.91 8.98 19.83
CA ILE A 50 8.97 7.82 18.95
C ILE A 50 8.74 8.23 17.50
N TYR A 51 7.77 9.11 17.27
CA TYR A 51 7.56 9.62 15.92
C TYR A 51 8.66 10.55 15.46
N TYR A 52 9.50 11.05 16.37
CA TYR A 52 10.66 11.80 15.92
C TYR A 52 11.70 10.89 15.26
N HIS A 53 11.67 9.59 15.55
CA HIS A 53 12.66 8.66 15.01
C HIS A 53 12.07 7.69 13.99
N PHE A 54 10.75 7.68 13.81
CA PHE A 54 10.07 6.83 12.84
C PHE A 54 8.80 7.54 12.42
N ARG A 55 8.48 7.51 11.12
CA ARG A 55 7.30 8.29 10.72
C ARG A 55 6.00 7.49 10.78
N SER A 56 6.00 6.20 10.45
CA SER A 56 4.81 5.39 10.67
C SER A 56 5.06 4.35 11.75
N LYS A 57 3.99 3.69 12.18
CA LYS A 57 4.09 2.59 13.12
C LYS A 57 4.75 1.38 12.46
N PHE A 58 4.35 1.08 11.22
CA PHE A 58 4.94 -0.02 10.46
C PHE A 58 6.45 0.15 10.29
N ASP A 59 6.95 1.39 10.37
CA ASP A 59 8.38 1.62 10.27
C ASP A 59 9.13 1.17 11.52
N ILE A 60 8.49 1.25 12.69
CA ILE A 60 9.06 0.62 13.88
C ILE A 60 9.19 -0.89 13.64
N PHE A 61 8.15 -1.49 13.07
CA PHE A 61 8.16 -2.92 12.79
C PHE A 61 9.31 -3.29 11.86
N LEU A 62 9.41 -2.62 10.70
CA LEU A 62 10.46 -2.95 9.74
C LEU A 62 11.85 -2.77 10.35
N ALA A 63 12.02 -1.79 11.22
CA ALA A 63 13.32 -1.58 11.86
C ALA A 63 13.68 -2.74 12.77
N VAL A 64 12.70 -3.28 13.50
CA VAL A 64 12.95 -4.49 14.28
C VAL A 64 13.21 -5.68 13.36
N TYR A 65 12.46 -5.78 12.27
CA TYR A 65 12.64 -6.87 11.32
C TYR A 65 14.05 -6.86 10.74
N GLU A 66 14.57 -5.68 10.37
CA GLU A 66 15.89 -5.62 9.77
C GLU A 66 16.98 -5.84 10.80
N ASP A 67 16.83 -5.29 12.01
CA ASP A 67 17.82 -5.53 13.05
C ASP A 67 17.83 -6.99 13.48
N GLY A 68 16.65 -7.59 13.62
CA GLY A 68 16.56 -8.97 14.06
C GLY A 68 17.22 -9.97 13.12
N ARG A 70 19.85 -8.91 10.73
CA ARG A 70 21.27 -8.60 10.78
C ARG A 70 21.91 -9.24 12.00
N ARG A 71 21.15 -9.39 13.08
CA ARG A 71 21.64 -9.92 14.34
C ARG A 71 21.59 -11.45 14.40
N VAL A 72 21.21 -12.13 13.31
CA VAL A 72 21.27 -13.59 13.29
C VAL A 72 22.21 -14.04 12.19
N ARG A 73 22.31 -13.29 11.09
CA ARG A 73 23.30 -13.62 10.08
C ARG A 73 24.69 -13.16 10.49
N GLU A 74 24.80 -12.33 11.52
CA GLU A 74 26.10 -11.99 12.07
C GLU A 74 26.69 -13.14 12.88
N ARG A 75 25.84 -13.95 13.51
CA ARG A 75 26.31 -15.08 14.31
C ARG A 75 26.45 -16.36 13.48
N VAL A 76 25.46 -16.65 12.64
CA VAL A 76 25.40 -17.95 11.99
C VAL A 76 26.32 -18.01 10.77
N GLU A 77 26.29 -16.97 9.93
CA GLU A 77 27.03 -17.01 8.69
C GLU A 77 28.53 -17.26 8.85
N PRO A 78 29.19 -16.87 9.95
CA PRO A 78 30.59 -17.30 10.14
C PRO A 78 30.78 -18.80 10.06
N TYR A 79 29.83 -19.58 10.57
CA TYR A 79 29.98 -21.03 10.60
C TYR A 79 29.69 -21.69 9.26
N VAL A 80 29.35 -20.92 8.22
CA VAL A 80 29.12 -21.54 6.91
C VAL A 80 30.42 -22.12 6.39
N GLY A 81 31.54 -21.45 6.64
CA GLY A 81 32.85 -21.91 6.24
C GLY A 81 33.65 -22.41 7.41
N ALA A 82 32.96 -22.90 8.43
CA ALA A 82 33.61 -23.46 9.60
C ALA A 82 34.31 -24.76 9.24
N PRO A 83 35.35 -25.14 9.99
CA PRO A 83 36.01 -26.42 9.74
C PRO A 83 35.07 -27.59 10.02
N GLY A 84 35.20 -28.62 9.22
CA GLY A 84 34.56 -29.89 9.51
C GLY A 84 33.55 -30.30 8.45
N THR A 85 32.73 -31.29 8.82
CA THR A 85 31.77 -31.91 7.93
C THR A 85 30.62 -30.97 7.62
N GLY A 86 29.79 -31.39 6.67
CA GLY A 86 28.57 -30.64 6.39
C GLY A 86 27.65 -30.56 7.58
N ARG A 87 27.47 -31.67 8.30
CA ARG A 87 26.71 -31.65 9.54
C ARG A 87 27.45 -30.87 10.62
N GLN A 88 28.78 -30.99 10.66
CA GLN A 88 29.58 -30.26 11.64
C GLN A 88 29.42 -28.75 11.46
N ARG A 89 29.42 -28.29 10.21
CA ARG A 89 29.07 -26.91 9.93
C ARG A 89 27.60 -26.66 10.23
N LEU A 90 26.72 -27.57 9.78
CA LEU A 90 25.29 -27.41 10.00
C LEU A 90 24.97 -27.30 11.49
N VAL A 91 25.50 -28.21 12.29
CA VAL A 91 25.28 -28.10 13.74
C VAL A 91 25.85 -26.79 14.26
N ALA A 92 27.02 -26.37 13.76
CA ALA A 92 27.57 -25.08 14.17
C ALA A 92 26.59 -23.95 13.85
N SER A 94 23.26 -24.06 13.31
CA SER A 94 21.94 -24.16 13.92
C SER A 94 21.95 -23.91 15.41
N VAL A 95 23.10 -23.95 16.06
CA VAL A 95 23.15 -23.50 17.45
C VAL A 95 23.15 -21.98 17.52
N ALA A 96 24.01 -21.32 16.73
CA ALA A 96 24.07 -19.87 16.72
C ALA A 96 22.71 -19.27 16.37
N HIS A 97 21.96 -19.93 15.49
CA HIS A 97 20.60 -19.50 15.19
C HIS A 97 19.74 -19.53 16.44
N VAL A 98 19.84 -20.60 17.23
CA VAL A 98 19.02 -20.73 18.43
C VAL A 98 19.59 -19.89 19.56
N GLU A 99 20.92 -19.78 19.64
CA GLU A 99 21.54 -18.96 20.68
C GLU A 99 20.93 -17.56 20.72
N ASN A 100 20.84 -16.89 19.56
CA ASN A 100 20.28 -15.54 19.56
C ASN A 100 18.76 -15.53 19.61
N LEU A 101 18.11 -16.59 19.12
CA LEU A 101 16.68 -16.73 19.36
C LEU A 101 16.41 -16.64 20.86
N ILE A 103 18.26 -15.46 23.25
CA ILE A 103 18.74 -14.13 23.73
C ILE A 103 17.72 -13.05 23.38
N ASP A 104 17.45 -12.89 22.07
CA ASP A 104 16.54 -11.85 21.52
C ASP A 104 15.20 -12.47 21.09
N LEU A 105 14.56 -13.25 21.96
CA LEU A 105 13.28 -13.90 21.61
C LEU A 105 12.26 -12.85 21.15
N GLY A 106 12.47 -11.60 21.52
CA GLY A 106 11.66 -10.44 21.19
C GLY A 106 11.90 -9.95 19.78
N TYR A 107 13.16 -9.85 19.37
CA TYR A 107 13.48 -9.57 17.98
C TYR A 107 13.09 -10.73 17.06
N HIS A 108 13.00 -11.95 17.59
CA HIS A 108 12.76 -13.11 16.75
C HIS A 108 11.28 -13.30 16.44
N HIS A 109 10.39 -13.02 17.39
CA HIS A 109 8.98 -13.27 17.19
C HIS A 109 8.37 -12.35 16.13
N VAL A 110 9.11 -11.33 15.68
CA VAL A 110 8.62 -10.42 14.66
C VAL A 110 9.21 -10.69 13.27
N VAL A 111 10.39 -11.30 13.18
CA VAL A 111 10.96 -11.62 11.86
C VAL A 111 10.39 -12.88 11.26
N HIS A 112 9.70 -13.69 12.06
CA HIS A 112 9.18 -14.98 11.61
C HIS A 112 7.65 -14.98 11.59
N GLN A 113 7.02 -13.93 12.14
CA GLN A 113 5.57 -13.81 12.26
C GLN A 113 5.09 -12.49 11.66
N GLY A 114 5.53 -12.20 10.44
CA GLY A 114 5.15 -10.95 9.81
C GLY A 114 4.98 -11.02 8.30
N VAL A 115 4.37 -12.11 7.81
CA VAL A 115 4.27 -12.34 6.38
C VAL A 115 2.87 -12.09 5.82
N ARG A 116 1.84 -12.15 6.66
CA ARG A 116 0.47 -11.92 6.20
C ARG A 116 0.26 -10.53 5.66
N ASP A 117 1.09 -9.56 6.09
CA ASP A 117 0.92 -8.17 5.68
C ASP A 117 1.03 -7.99 4.18
N GLN A 118 1.68 -8.94 3.51
CA GLN A 118 2.09 -8.90 2.11
C GLN A 118 1.11 -8.17 1.20
N ALA A 119 -0.17 -8.52 1.32
CA ALA A 119 -1.19 -8.04 0.39
C ALA A 119 -2.44 -7.52 1.09
N SER A 120 -2.45 -7.45 2.42
CA SER A 120 -3.70 -7.25 3.14
C SER A 120 -3.73 -6.02 4.06
N THR A 121 -2.67 -5.21 4.09
CA THR A 121 -2.62 -4.04 4.95
C THR A 121 -2.31 -2.80 4.12
N ALA A 122 -2.96 -1.69 4.46
CA ALA A 122 -2.66 -0.42 3.82
C ALA A 122 -1.19 -0.08 4.03
N LEU A 123 -0.50 0.21 2.93
CA LEU A 123 0.96 0.28 2.96
C LEU A 123 1.47 1.19 1.86
N LYS A 124 2.24 2.21 2.25
CA LYS A 124 3.02 2.96 1.27
C LYS A 124 4.00 2.02 0.59
N VAL A 125 4.29 2.29 -0.69
CA VAL A 125 5.13 1.36 -1.46
C VAL A 125 6.52 1.26 -0.84
N ARG A 126 7.06 2.39 -0.37
CA ARG A 126 8.37 2.38 0.28
C ARG A 126 8.40 1.36 1.40
N GLN A 127 7.33 1.30 2.20
CA GLN A 127 7.21 0.27 3.23
C GLN A 127 6.98 -1.10 2.60
N ARG A 128 6.06 -1.19 1.63
CA ARG A 128 5.63 -2.49 1.12
C ARG A 128 6.78 -3.24 0.46
N ASP A 129 7.49 -2.60 -0.47
CA ASP A 129 8.57 -3.30 -1.16
C ASP A 129 9.81 -3.44 -0.29
N ALA A 130 9.95 -2.62 0.75
CA ALA A 130 10.99 -2.87 1.75
C ALA A 130 10.64 -4.06 2.63
N LEU A 131 9.34 -4.31 2.84
CA LEU A 131 8.93 -5.48 3.60
C LEU A 131 9.29 -6.76 2.86
N ALA A 132 8.90 -6.85 1.58
CA ALA A 132 9.26 -8.00 0.76
C ALA A 132 10.74 -8.01 0.40
N ALA A 133 11.46 -6.91 0.62
CA ALA A 133 12.90 -6.93 0.47
C ALA A 133 13.55 -7.85 1.49
N LEU A 134 12.96 -7.95 2.70
CA LEU A 134 13.44 -8.85 3.72
C LEU A 134 12.80 -10.23 3.62
N ASN A 135 11.59 -10.33 3.07
CA ASN A 135 11.00 -11.63 2.79
C ASN A 135 11.78 -12.42 1.75
N GLU A 136 12.72 -11.78 1.06
CA GLU A 136 13.71 -12.48 0.25
C GLU A 136 15.10 -12.47 0.86
N LEU A 137 15.40 -11.50 1.74
CA LEU A 137 16.62 -11.57 2.54
C LEU A 137 16.64 -12.83 3.39
N ARG A 138 15.48 -13.21 3.93
CA ARG A 138 15.40 -14.44 4.72
C ARG A 138 15.62 -15.68 3.86
N ARG A 139 15.05 -15.71 2.66
CA ARG A 139 15.20 -16.86 1.79
C ARG A 139 16.66 -17.11 1.41
N ASP A 140 17.50 -16.08 1.52
CA ASP A 140 18.95 -16.28 1.39
C ASP A 140 19.52 -16.94 2.64
N TYR A 141 19.09 -16.49 3.82
CA TYR A 141 19.47 -17.16 5.07
C TYR A 141 18.99 -18.61 5.05
N GLU A 142 17.75 -18.82 4.63
CA GLU A 142 17.26 -20.19 4.39
C GLU A 142 18.13 -20.89 3.35
N ARG A 143 18.58 -20.15 2.33
CA ARG A 143 19.36 -20.77 1.27
C ARG A 143 20.71 -21.26 1.78
N PHE A 145 21.44 -22.31 4.60
CA PHE A 145 21.26 -23.61 5.23
C PHE A 145 21.11 -24.68 4.15
N HIS A 146 20.07 -24.56 3.33
CA HIS A 146 19.79 -25.50 2.25
C HIS A 146 21.06 -25.92 1.53
N HIS A 147 21.93 -24.95 1.25
CA HIS A 147 23.15 -25.19 0.49
C HIS A 147 24.18 -26.03 1.25
N VAL A 148 24.01 -26.21 2.56
CA VAL A 148 24.87 -27.12 3.29
C VAL A 148 24.17 -28.43 3.68
N ILE A 149 22.83 -28.45 3.75
CA ILE A 149 22.16 -29.74 3.76
C ILE A 149 22.43 -30.47 2.45
N THR A 150 22.65 -29.76 1.34
CA THR A 150 23.12 -30.42 0.13
C THR A 150 24.48 -31.08 0.35
N GLU A 151 25.52 -30.29 0.63
CA GLU A 151 26.86 -30.83 0.78
C GLU A 151 27.01 -31.56 2.11
N GLY A 152 26.05 -31.42 3.01
CA GLY A 152 26.05 -32.44 4.03
C GLY A 152 25.83 -33.84 3.47
N ILE A 153 25.52 -33.99 2.18
CA ILE A 153 25.15 -35.29 1.64
C ILE A 153 26.06 -35.63 0.48
N ALA A 154 26.59 -34.59 -0.18
CA ALA A 154 27.45 -34.79 -1.34
C ALA A 154 28.73 -35.52 -0.94
N ASP A 155 29.46 -34.95 0.02
CA ASP A 155 30.45 -35.73 0.76
C ASP A 155 29.83 -36.34 2.01
N GLY A 156 28.65 -36.94 1.82
CA GLY A 156 28.00 -37.87 2.72
C GLY A 156 28.09 -37.68 4.23
N SER A 157 27.72 -36.51 4.73
CA SER A 157 27.75 -36.34 6.21
C SER A 157 26.36 -36.58 6.80
N LEU A 158 25.31 -36.53 5.97
CA LEU A 158 23.90 -36.69 6.42
C LEU A 158 23.15 -37.66 5.53
N ARG A 159 21.92 -38.06 5.93
CA ARG A 159 21.11 -39.00 5.18
C ARG A 159 20.57 -38.43 3.88
N ASN A 160 20.48 -39.31 2.86
CA ASN A 160 20.16 -39.03 1.45
C ASN A 160 18.74 -38.48 1.21
N VAL A 161 17.97 -38.15 2.24
CA VAL A 161 16.64 -37.58 2.03
C VAL A 161 16.75 -36.28 1.23
N ASP A 162 15.68 -35.95 0.49
CA ASP A 162 15.68 -34.78 -0.38
C ASP A 162 16.11 -33.53 0.38
N ASP A 163 16.80 -32.63 -0.32
CA ASP A 163 17.33 -31.44 0.31
C ASP A 163 16.21 -30.52 0.78
N ALA A 164 15.36 -30.08 -0.15
CA ALA A 164 14.43 -28.98 0.10
C ALA A 164 13.61 -29.19 1.37
N LEU A 165 12.91 -30.33 1.46
CA LEU A 165 12.08 -30.58 2.63
C LEU A 165 12.92 -30.65 3.90
N ALA A 166 14.11 -31.26 3.82
CA ALA A 166 15.00 -31.31 4.98
C ALA A 166 15.34 -29.91 5.46
N THR A 167 15.68 -29.01 4.53
CA THR A 167 15.96 -27.63 4.91
C THR A 167 14.69 -26.89 5.30
N ARG A 168 13.59 -27.12 4.59
CA ARG A 168 12.32 -26.46 4.91
C ARG A 168 11.82 -26.89 6.28
N THR A 169 11.89 -28.19 6.58
CA THR A 169 11.47 -28.67 7.89
C THR A 169 12.39 -28.15 9.00
N LEU A 170 13.69 -28.08 8.74
CA LEU A 170 14.64 -27.76 9.79
C LEU A 170 14.51 -26.30 10.24
N LEU A 171 14.59 -25.35 9.30
CA LEU A 171 14.46 -23.95 9.68
C LEU A 171 13.12 -23.68 10.35
N SER A 172 12.07 -24.41 9.95
CA SER A 172 10.82 -24.38 10.71
C SER A 172 11.04 -24.93 12.12
N ASN A 173 11.79 -26.02 12.24
CA ASN A 173 12.08 -26.59 13.55
C ASN A 173 12.92 -25.64 14.39
N LEU A 174 13.97 -25.08 13.79
CA LEU A 174 14.90 -24.22 14.51
C LEU A 174 14.20 -23.05 15.18
N ASN A 175 13.16 -22.52 14.53
CA ASN A 175 12.47 -21.33 15.01
C ASN A 175 11.26 -21.64 15.88
N ALA A 176 10.88 -22.90 16.00
CA ALA A 176 9.72 -23.31 16.79
C ALA A 176 10.02 -23.40 18.27
N VAL A 177 11.10 -22.78 18.70
CA VAL A 177 11.51 -22.88 20.14
C VAL A 177 10.80 -21.79 20.94
N ASP A 178 10.18 -20.83 20.25
CA ASP A 178 9.53 -19.72 20.97
C ASP A 178 8.17 -20.14 21.52
N VAL A 179 7.60 -21.25 21.06
CA VAL A 179 6.25 -21.64 21.55
C VAL A 179 6.34 -22.23 22.94
N TRP A 180 7.56 -22.49 23.44
CA TRP A 180 7.73 -23.02 24.79
C TRP A 180 8.91 -22.46 25.55
N TYR A 181 9.88 -21.83 24.88
CA TYR A 181 11.11 -21.45 25.57
C TYR A 181 10.86 -20.32 26.58
N ARG A 182 11.21 -20.58 27.84
CA ARG A 182 11.07 -19.62 28.92
C ARG A 182 12.19 -18.59 28.85
N LYS A 183 12.39 -17.82 29.91
CA LYS A 183 13.54 -16.93 30.00
C LYS A 183 14.22 -17.17 31.35
N ILE A 184 15.47 -17.61 31.30
CA ILE A 184 16.24 -17.94 32.50
C ILE A 184 17.01 -16.68 32.87
N GLU A 185 16.39 -15.84 33.69
CA GLU A 185 16.90 -14.48 33.89
C GLU A 185 18.29 -14.51 34.49
N GLY A 186 19.29 -14.20 33.66
CA GLY A 186 20.69 -14.33 34.05
C GLY A 186 21.40 -15.43 33.29
N GLN A 187 20.91 -15.75 32.08
CA GLN A 187 21.50 -16.84 31.30
C GLN A 187 22.87 -16.41 30.78
N THR A 188 23.90 -17.18 31.10
CA THR A 188 25.24 -16.89 30.61
C THR A 188 25.32 -17.21 29.12
N GLU A 189 26.40 -16.74 28.48
CA GLU A 189 26.53 -16.91 27.04
C GLU A 189 26.68 -18.37 26.66
N LYS A 190 27.26 -19.20 27.53
CA LYS A 190 27.27 -20.63 27.31
C LYS A 190 26.08 -21.35 27.91
N GLU A 191 25.38 -20.74 28.88
CA GLU A 191 24.22 -21.42 29.43
C GLU A 191 23.03 -21.40 28.51
N VAL A 192 23.01 -20.53 27.51
CA VAL A 192 22.11 -20.74 26.39
C VAL A 192 22.74 -21.72 25.41
N HIS A 193 24.08 -21.73 25.32
CA HIS A 193 24.78 -22.69 24.48
C HIS A 193 24.63 -24.11 25.03
N ASP A 194 24.61 -24.28 26.37
CA ASP A 194 24.36 -25.61 26.90
C ASP A 194 22.98 -26.14 26.50
N LEU A 195 22.03 -25.25 26.22
CA LEU A 195 20.69 -25.69 25.84
C LEU A 195 20.42 -25.56 24.34
N ALA A 196 20.96 -24.54 23.67
CA ALA A 196 20.82 -24.47 22.23
C ALA A 196 21.46 -25.68 21.55
N SER A 197 22.67 -26.04 21.96
CA SER A 197 23.31 -27.23 21.42
C SER A 197 22.56 -28.50 21.81
N GLN A 198 21.80 -28.48 22.91
CA GLN A 198 20.98 -29.62 23.27
C GLN A 198 19.92 -29.88 22.21
N VAL A 199 19.24 -28.83 21.74
CA VAL A 199 18.07 -29.02 20.88
C VAL A 199 18.42 -29.12 19.40
N VAL A 200 19.58 -28.64 18.97
CA VAL A 200 20.00 -28.89 17.60
C VAL A 200 20.34 -30.36 17.41
N ASP A 201 20.98 -30.97 18.41
CA ASP A 201 21.34 -32.38 18.28
C ASP A 201 20.13 -33.29 18.47
N LEU A 202 19.12 -32.85 19.22
CA LEU A 202 17.83 -33.55 19.18
C LEU A 202 17.15 -33.35 17.83
N LEU A 203 17.57 -32.35 17.06
CA LEU A 203 17.06 -32.11 15.72
C LEU A 203 17.91 -32.75 14.65
N ILE A 204 19.24 -32.74 14.83
CA ILE A 204 20.11 -33.42 13.88
C ILE A 204 20.19 -34.90 14.17
N GLY A 205 20.23 -35.28 15.44
CA GLY A 205 20.27 -36.68 15.81
C GLY A 205 18.90 -37.33 15.79
N GLY A 206 17.88 -36.51 16.00
CA GLY A 206 16.51 -37.05 16.04
C GLY A 206 16.32 -37.89 17.27
N ILE A 207 15.63 -39.02 17.14
CA ILE A 207 15.37 -39.88 18.33
C ILE A 207 15.41 -41.34 17.90
N GLY A 208 16.23 -42.17 18.54
CA GLY A 208 16.13 -43.58 18.25
C GLY A 208 17.42 -44.24 17.77
N ALA A 209 17.86 -45.29 18.47
CA ALA A 209 19.16 -45.91 18.22
C ALA A 209 19.05 -47.02 17.16
N THR A 210 20.11 -47.83 17.03
CA THR A 210 20.20 -48.84 15.98
C THR A 210 20.21 -50.26 16.51
N ASP B 13 -25.00 -27.84 12.07
CA ASP B 13 -25.89 -27.24 11.08
C ASP B 13 -25.10 -26.54 9.99
N VAL B 14 -25.64 -25.39 9.55
CA VAL B 14 -24.95 -24.54 8.57
C VAL B 14 -23.83 -23.75 9.22
N LYS B 15 -23.66 -23.86 10.54
CA LYS B 15 -22.54 -23.22 11.23
C LYS B 15 -21.20 -23.69 10.69
N GLY B 16 -21.16 -24.92 10.17
CA GLY B 16 -19.88 -25.51 9.78
C GLY B 16 -19.11 -24.69 8.76
N ARG B 17 -19.82 -24.07 7.82
CA ARG B 17 -19.13 -23.40 6.72
C ARG B 17 -18.51 -22.06 7.14
N ILE B 18 -19.08 -21.36 8.11
CA ILE B 18 -18.44 -20.12 8.56
C ILE B 18 -17.11 -20.42 9.24
N LEU B 19 -17.06 -21.49 10.05
CA LEU B 19 -15.80 -21.88 10.68
C LEU B 19 -14.76 -22.30 9.65
N ASP B 20 -15.17 -23.07 8.64
CA ASP B 20 -14.25 -23.46 7.57
C ASP B 20 -13.65 -22.25 6.87
N ALA B 21 -14.38 -21.13 6.86
CA ALA B 21 -13.85 -19.89 6.29
C ALA B 21 -13.18 -19.03 7.35
N ALA B 22 -13.70 -19.03 8.59
CA ALA B 22 -13.09 -18.22 9.65
C ALA B 22 -11.75 -18.79 10.08
N ALA B 23 -11.61 -20.12 10.09
CA ALA B 23 -10.36 -20.75 10.50
C ALA B 23 -9.19 -20.25 9.64
N ASP B 24 -9.34 -20.33 8.32
CA ASP B 24 -8.28 -19.88 7.43
C ASP B 24 -8.09 -18.37 7.52
N ALA B 25 -9.19 -17.62 7.59
CA ALA B 25 -9.07 -16.17 7.74
C ALA B 25 -8.35 -15.81 9.04
N PHE B 26 -8.68 -16.52 10.12
CA PHE B 26 -7.95 -16.32 11.37
C PHE B 26 -6.48 -16.71 11.23
N LEU B 28 -4.97 -16.64 8.20
CA LEU B 28 -4.43 -15.81 7.13
C LEU B 28 -3.70 -14.59 7.68
N ARG B 29 -4.43 -13.71 8.36
CA ARG B 29 -3.86 -12.46 8.85
C ARG B 29 -3.87 -12.36 10.37
N GLY B 30 -4.15 -13.44 11.08
CA GLY B 30 -4.29 -13.39 12.52
C GLY B 30 -5.72 -13.03 12.93
N PHE B 31 -5.97 -13.09 14.24
CA PHE B 31 -7.30 -12.80 14.74
C PHE B 31 -7.64 -11.32 14.59
N ALA B 32 -6.66 -10.43 14.78
CA ALA B 32 -6.93 -9.01 14.79
C ALA B 32 -7.11 -8.46 13.38
N ASN B 33 -6.10 -8.63 12.52
CA ASN B 33 -6.19 -8.18 11.13
C ASN B 33 -7.36 -8.83 10.40
N THR B 34 -7.97 -9.86 10.98
CA THR B 34 -9.23 -10.42 10.49
C THR B 34 -10.38 -9.60 11.07
N THR B 35 -11.06 -8.84 10.22
CA THR B 35 -12.31 -8.21 10.62
C THR B 35 -13.45 -9.22 10.50
N ILE B 36 -14.59 -8.87 11.12
CA ILE B 36 -15.70 -9.82 11.12
C ILE B 36 -16.51 -9.73 9.83
N ASP B 37 -16.71 -8.53 9.30
CA ASP B 37 -17.38 -8.48 8.01
C ASP B 37 -16.47 -8.93 6.87
N ASP B 38 -15.18 -9.11 7.14
CA ASP B 38 -14.34 -9.90 6.24
C ASP B 38 -14.87 -11.32 6.12
N ILE B 39 -15.11 -11.98 7.25
CA ILE B 39 -15.66 -13.33 7.17
C ILE B 39 -17.13 -13.32 6.77
N ALA B 40 -17.84 -12.21 6.97
CA ALA B 40 -19.19 -12.13 6.43
C ALA B 40 -19.20 -12.20 4.91
N ASP B 41 -18.12 -11.76 4.26
CA ASP B 41 -18.05 -11.77 2.80
C ASP B 41 -17.52 -13.09 2.24
N ASP B 42 -16.60 -13.76 2.94
CA ASP B 42 -16.09 -15.05 2.48
C ASP B 42 -17.18 -16.12 2.49
N VAL B 43 -18.21 -15.97 3.31
CA VAL B 43 -19.43 -16.75 3.20
C VAL B 43 -20.53 -15.73 2.89
N GLY B 44 -20.76 -15.51 1.60
CA GLY B 44 -21.59 -14.39 1.17
C GLY B 44 -22.99 -14.45 1.73
N ALA B 45 -23.25 -13.61 2.74
CA ALA B 45 -24.48 -13.73 3.50
C ALA B 45 -24.64 -12.61 4.51
N THR B 46 -25.73 -12.66 5.27
CA THR B 46 -25.95 -11.71 6.35
C THR B 46 -24.87 -11.86 7.42
N LYS B 47 -24.51 -10.73 8.04
CA LYS B 47 -23.63 -10.74 9.19
C LYS B 47 -24.41 -10.85 10.50
N GLY B 48 -25.74 -10.93 10.42
CA GLY B 48 -26.57 -11.23 11.58
C GLY B 48 -26.59 -12.71 11.89
N LEU B 49 -26.49 -13.54 10.84
CA LEU B 49 -26.28 -14.97 11.02
C LEU B 49 -25.09 -15.23 11.92
N ILE B 50 -24.00 -14.47 11.71
CA ILE B 50 -22.79 -14.61 12.51
C ILE B 50 -23.12 -14.44 13.99
N TYR B 51 -23.93 -13.44 14.32
CA TYR B 51 -24.25 -13.17 15.70
C TYR B 51 -25.42 -13.98 16.22
N TYR B 52 -26.35 -14.35 15.34
CA TYR B 52 -27.46 -15.20 15.76
C TYR B 52 -26.98 -16.57 16.23
N HIS B 53 -25.87 -17.05 15.67
CA HIS B 53 -25.23 -18.28 16.13
C HIS B 53 -24.16 -18.03 17.17
N PHE B 54 -23.36 -16.97 16.99
CA PHE B 54 -22.22 -16.68 17.84
C PHE B 54 -22.46 -15.37 18.58
N ARG B 55 -22.51 -15.43 19.91
CA ARG B 55 -22.87 -14.26 20.70
C ARG B 55 -21.88 -13.11 20.56
N SER B 56 -20.66 -13.37 20.09
CA SER B 56 -19.71 -12.32 19.80
C SER B 56 -18.66 -12.86 18.84
N LYS B 57 -17.75 -11.98 18.42
CA LYS B 57 -16.72 -12.40 17.47
C LYS B 57 -15.75 -13.38 18.11
N PHE B 58 -15.52 -13.28 19.42
CA PHE B 58 -14.67 -14.26 20.09
C PHE B 58 -15.31 -15.63 20.12
N ASP B 59 -16.65 -15.70 20.12
CA ASP B 59 -17.33 -16.98 19.99
C ASP B 59 -16.86 -17.74 18.76
N ILE B 60 -16.65 -17.03 17.65
CA ILE B 60 -16.14 -17.69 16.45
C ILE B 60 -14.81 -18.36 16.75
N PHE B 61 -13.90 -17.66 17.42
CA PHE B 61 -12.60 -18.25 17.73
C PHE B 61 -12.75 -19.47 18.64
N LEU B 62 -13.56 -19.35 19.69
CA LEU B 62 -13.76 -20.49 20.59
C LEU B 62 -14.40 -21.66 19.85
N ALA B 63 -15.31 -21.37 18.92
CA ALA B 63 -15.95 -22.43 18.15
C ALA B 63 -14.96 -23.14 17.23
N VAL B 64 -14.15 -22.36 16.50
CA VAL B 64 -13.14 -22.95 15.63
C VAL B 64 -12.09 -23.71 16.44
N TYR B 65 -11.74 -23.20 17.63
CA TYR B 65 -10.97 -24.00 18.56
C TYR B 65 -11.76 -25.24 18.99
N GLU B 66 -13.04 -25.06 19.32
CA GLU B 66 -13.88 -26.15 19.79
C GLU B 66 -13.98 -27.26 18.75
N ASP B 67 -14.51 -26.95 17.57
CA ASP B 67 -14.62 -27.98 16.54
C ASP B 67 -13.29 -28.36 15.93
N GLY B 68 -12.20 -27.73 16.36
CA GLY B 68 -10.88 -28.11 15.92
C GLY B 68 -10.17 -29.03 16.89
N ARG B 70 -10.85 -31.04 19.41
CA ARG B 70 -11.39 -32.42 19.52
C ARG B 70 -11.31 -33.08 18.15
N ARG B 71 -11.32 -32.28 17.09
CA ARG B 71 -11.22 -32.88 15.73
C ARG B 71 -9.91 -33.65 15.63
N VAL B 72 -8.81 -33.06 16.10
CA VAL B 72 -7.46 -33.70 16.08
C VAL B 72 -7.48 -34.98 16.91
N ARG B 73 -8.21 -34.99 18.03
CA ARG B 73 -8.26 -36.20 18.89
C ARG B 73 -8.69 -37.39 18.03
N GLU B 74 -9.85 -37.25 17.40
CA GLU B 74 -10.46 -38.34 16.59
C GLU B 74 -9.48 -38.95 15.60
N ARG B 75 -8.46 -38.23 15.14
CA ARG B 75 -7.60 -38.88 14.16
C ARG B 75 -6.46 -39.65 14.83
N VAL B 76 -5.82 -39.04 15.82
CA VAL B 76 -4.52 -39.49 16.33
C VAL B 76 -4.68 -40.35 17.59
N GLU B 77 -5.74 -40.08 18.36
CA GLU B 77 -5.98 -40.88 19.57
C GLU B 77 -6.12 -42.37 19.29
N PRO B 78 -6.76 -42.84 18.22
CA PRO B 78 -6.82 -44.29 17.98
C PRO B 78 -5.45 -44.95 17.82
N TYR B 79 -4.41 -44.19 17.48
CA TYR B 79 -3.09 -44.77 17.30
C TYR B 79 -2.37 -45.04 18.62
N VAL B 80 -2.93 -44.65 19.76
CA VAL B 80 -2.29 -44.96 21.04
C VAL B 80 -2.48 -46.43 21.41
N GLY B 81 -3.63 -47.02 21.06
CA GLY B 81 -3.88 -48.40 21.41
C GLY B 81 -3.12 -49.40 20.54
N ALA B 82 -2.73 -48.99 19.34
CA ALA B 82 -2.02 -49.88 18.45
C ALA B 82 -0.72 -50.35 19.09
N PRO B 83 -0.39 -51.63 19.00
CA PRO B 83 0.73 -52.16 19.77
C PRO B 83 2.07 -51.77 19.17
N GLY B 84 3.12 -52.09 19.91
CA GLY B 84 4.46 -51.87 19.44
C GLY B 84 5.30 -51.01 20.36
N THR B 85 6.35 -50.44 19.81
CA THR B 85 7.35 -49.76 20.61
C THR B 85 6.86 -48.34 20.89
N GLY B 86 7.67 -47.55 21.60
CA GLY B 86 7.39 -46.13 21.68
C GLY B 86 7.60 -45.43 20.35
N ARG B 87 8.76 -45.67 19.73
CA ARG B 87 9.02 -45.19 18.38
C ARG B 87 7.99 -45.74 17.40
N GLN B 88 7.82 -47.07 17.39
CA GLN B 88 6.86 -47.70 16.50
C GLN B 88 5.48 -47.09 16.60
N ARG B 89 5.15 -46.52 17.76
CA ARG B 89 3.82 -45.98 18.02
C ARG B 89 3.76 -44.47 18.09
N LEU B 90 4.82 -43.79 18.53
CA LEU B 90 4.80 -42.33 18.50
C LEU B 90 4.82 -41.81 17.07
N VAL B 91 5.67 -42.41 16.21
CA VAL B 91 5.63 -42.05 14.80
C VAL B 91 4.26 -42.38 14.20
N ALA B 92 3.58 -43.39 14.73
CA ALA B 92 2.26 -43.74 14.21
C ALA B 92 1.26 -42.61 14.41
N SER B 94 2.11 -39.32 15.53
CA SER B 94 2.63 -38.03 15.11
C SER B 94 2.42 -37.82 13.61
N VAL B 95 2.52 -38.90 12.82
CA VAL B 95 2.10 -38.83 11.41
C VAL B 95 0.65 -38.39 11.32
N ALA B 96 -0.22 -39.04 12.12
CA ALA B 96 -1.63 -38.67 12.11
C ALA B 96 -1.84 -37.23 12.56
N HIS B 97 -0.98 -36.73 13.46
CA HIS B 97 -1.09 -35.34 13.88
C HIS B 97 -0.81 -34.39 12.72
N VAL B 98 0.32 -34.58 12.03
CA VAL B 98 0.65 -33.72 10.90
C VAL B 98 -0.12 -34.10 9.64
N GLU B 99 -0.63 -35.33 9.57
CA GLU B 99 -1.66 -35.64 8.57
C GLU B 99 -2.86 -34.72 8.75
N ASN B 100 -3.33 -34.61 10.00
CA ASN B 100 -4.47 -33.76 10.31
C ASN B 100 -4.13 -32.30 10.06
N LEU B 101 -2.90 -31.89 10.36
CA LEU B 101 -2.45 -30.55 10.06
C LEU B 101 -2.60 -30.21 8.59
N ILE B 103 -4.68 -31.28 6.43
CA ILE B 103 -6.05 -31.38 5.94
C ILE B 103 -6.91 -30.22 6.44
N ASP B 104 -7.09 -30.12 7.77
CA ASP B 104 -7.79 -28.98 8.37
C ASP B 104 -6.73 -28.06 8.93
N LEU B 105 -6.15 -27.24 8.04
CA LEU B 105 -5.05 -26.35 8.42
C LEU B 105 -5.55 -25.15 9.21
N GLY B 106 -6.61 -24.50 8.73
CA GLY B 106 -7.10 -23.30 9.41
C GLY B 106 -7.39 -23.53 10.87
N TYR B 107 -8.10 -24.62 11.16
CA TYR B 107 -8.37 -24.98 12.56
C TYR B 107 -7.07 -25.16 13.33
N HIS B 108 -6.11 -25.84 12.71
CA HIS B 108 -4.83 -26.16 13.38
C HIS B 108 -4.13 -24.91 13.89
N HIS B 109 -4.24 -23.80 13.18
CA HIS B 109 -3.58 -22.60 13.66
C HIS B 109 -4.36 -21.94 14.80
N VAL B 110 -5.70 -21.90 14.69
CA VAL B 110 -6.52 -21.28 15.72
C VAL B 110 -6.42 -22.00 17.05
N VAL B 111 -5.86 -23.21 17.08
CA VAL B 111 -5.52 -23.84 18.36
C VAL B 111 -4.20 -23.33 18.92
N HIS B 112 -3.60 -22.31 18.29
CA HIS B 112 -2.44 -21.63 18.88
C HIS B 112 -2.45 -20.11 18.67
N GLN B 113 -3.57 -19.52 18.24
CA GLN B 113 -3.62 -18.08 18.00
C GLN B 113 -3.94 -17.29 19.27
N GLY B 114 -3.79 -17.91 20.44
CA GLY B 114 -3.85 -17.20 21.70
C GLY B 114 -2.54 -16.60 22.13
N VAL B 115 -1.51 -16.71 21.30
CA VAL B 115 -0.16 -16.31 21.70
C VAL B 115 0.01 -14.79 21.68
N ARG B 116 -0.61 -14.08 20.73
CA ARG B 116 -0.59 -12.62 20.76
C ARG B 116 -1.90 -12.02 21.25
N ASP B 117 -2.88 -12.84 21.62
CA ASP B 117 -4.07 -12.40 22.37
C ASP B 117 -4.90 -13.61 22.77
N ALA B 122 -9.31 -7.93 28.21
CA ALA B 122 -10.66 -8.05 28.73
C ALA B 122 -11.46 -9.09 27.97
N LEU B 123 -12.47 -9.64 28.62
CA LEU B 123 -13.36 -10.62 28.02
C LEU B 123 -14.63 -10.71 28.82
N LYS B 124 -15.41 -11.77 28.66
CA LYS B 124 -16.56 -12.12 29.48
C LYS B 124 -16.19 -13.32 30.34
N VAL B 125 -17.00 -13.56 31.38
CA VAL B 125 -16.67 -14.62 32.33
C VAL B 125 -16.92 -16.01 31.73
N ARG B 126 -18.12 -16.23 31.18
CA ARG B 126 -18.40 -17.50 30.53
C ARG B 126 -17.47 -17.74 29.35
N GLN B 127 -17.24 -16.71 28.54
CA GLN B 127 -16.39 -16.84 27.35
C GLN B 127 -14.96 -17.16 27.74
N ARG B 128 -14.46 -16.55 28.81
CA ARG B 128 -13.08 -16.75 29.21
C ARG B 128 -12.83 -18.16 29.71
N ASP B 129 -13.62 -18.61 30.69
CA ASP B 129 -13.37 -19.95 31.24
C ASP B 129 -13.78 -21.05 30.29
N ALA B 130 -14.57 -20.73 29.26
CA ALA B 130 -14.65 -21.62 28.11
C ALA B 130 -13.24 -21.95 27.64
N LEU B 131 -12.48 -20.92 27.25
CA LEU B 131 -11.12 -21.10 26.73
C LEU B 131 -10.25 -21.91 27.68
N ALA B 132 -10.44 -21.74 28.99
CA ALA B 132 -9.64 -22.46 29.96
C ALA B 132 -9.79 -23.97 29.79
N ALA B 133 -11.01 -24.44 29.51
CA ALA B 133 -11.24 -25.86 29.31
C ALA B 133 -10.46 -26.38 28.10
N LEU B 134 -10.71 -25.80 26.91
CA LEU B 134 -10.05 -26.27 25.71
C LEU B 134 -8.53 -26.21 25.84
N ASN B 135 -8.01 -25.23 26.58
CA ASN B 135 -6.57 -25.12 26.78
C ASN B 135 -6.01 -26.38 27.42
N GLU B 136 -6.74 -26.97 28.37
CA GLU B 136 -6.28 -28.21 28.97
C GLU B 136 -6.64 -29.44 28.14
N LEU B 137 -7.68 -29.35 27.31
CA LEU B 137 -7.89 -30.40 26.32
C LEU B 137 -6.78 -30.40 25.28
N ARG B 138 -6.12 -29.27 25.07
CA ARG B 138 -4.83 -29.27 24.38
C ARG B 138 -3.73 -29.83 25.27
N ARG B 139 -3.72 -29.44 26.56
CA ARG B 139 -2.75 -29.98 27.51
C ARG B 139 -2.78 -31.50 27.48
N ASP B 140 -3.98 -32.07 27.63
CA ASP B 140 -4.10 -33.52 27.71
C ASP B 140 -3.85 -34.18 26.36
N TYR B 141 -4.13 -33.47 25.26
CA TYR B 141 -3.69 -33.96 23.96
C TYR B 141 -2.17 -34.00 23.88
N GLU B 142 -1.51 -32.92 24.29
CA GLU B 142 -0.06 -32.92 24.34
C GLU B 142 0.46 -33.96 25.33
N ARG B 143 -0.16 -34.05 26.51
CA ARG B 143 0.31 -34.95 27.54
C ARG B 143 0.06 -36.41 27.19
N PHE B 145 1.02 -37.45 24.35
CA PHE B 145 2.35 -37.70 23.82
C PHE B 145 3.39 -37.77 24.93
N HIS B 146 3.38 -36.79 25.83
CA HIS B 146 4.39 -36.70 26.90
C HIS B 146 4.57 -38.03 27.61
N HIS B 147 3.51 -38.82 27.74
CA HIS B 147 3.66 -40.17 28.26
C HIS B 147 4.49 -41.02 27.31
N VAL B 148 4.14 -41.06 26.03
CA VAL B 148 4.69 -42.05 25.12
C VAL B 148 6.18 -41.83 24.85
N ILE B 149 6.69 -40.60 24.98
CA ILE B 149 8.14 -40.43 24.90
C ILE B 149 8.79 -40.74 26.24
N THR B 150 8.08 -40.57 27.36
CA THR B 150 8.58 -41.07 28.63
C THR B 150 8.74 -42.58 28.61
N GLU B 151 7.74 -43.28 28.09
CA GLU B 151 7.89 -44.71 27.82
C GLU B 151 8.91 -44.95 26.72
N GLY B 152 8.93 -44.06 25.72
CA GLY B 152 9.81 -44.26 24.58
C GLY B 152 11.28 -44.29 24.96
N ILE B 153 11.69 -43.37 25.83
CA ILE B 153 13.08 -43.36 26.29
C ILE B 153 13.35 -44.59 27.14
N ALA B 154 12.45 -44.89 28.08
CA ALA B 154 12.65 -46.02 28.98
C ALA B 154 12.74 -47.33 28.22
N ASP B 155 11.85 -47.52 27.23
CA ASP B 155 11.84 -48.75 26.44
C ASP B 155 13.20 -49.01 25.80
N GLY B 156 13.81 -47.97 25.24
CA GLY B 156 15.09 -48.10 24.57
C GLY B 156 15.06 -47.82 23.08
N SER B 157 13.88 -47.54 22.50
CA SER B 157 13.76 -47.21 21.09
C SER B 157 14.06 -45.77 20.78
N LEU B 158 14.25 -44.94 21.80
CA LEU B 158 14.37 -43.51 21.61
C LEU B 158 15.67 -43.05 22.26
N ARG B 159 16.38 -42.13 21.61
CA ARG B 159 17.70 -41.69 22.01
C ARG B 159 17.66 -41.05 23.39
N ASN B 160 18.45 -41.58 24.33
CA ASN B 160 18.32 -41.22 25.74
C ASN B 160 18.62 -39.74 25.96
N VAL B 161 17.56 -38.95 26.14
CA VAL B 161 17.66 -37.50 26.33
C VAL B 161 16.58 -37.08 27.32
N ASP B 162 16.53 -35.78 27.64
CA ASP B 162 15.55 -35.25 28.57
C ASP B 162 14.14 -35.54 28.07
N ASP B 163 13.33 -36.17 28.92
CA ASP B 163 12.01 -36.64 28.51
C ASP B 163 10.95 -35.54 28.51
N ALA B 164 11.19 -34.43 29.20
CA ALA B 164 10.20 -33.36 29.26
C ALA B 164 10.45 -32.25 28.25
N LEU B 165 11.69 -32.08 27.79
CA LEU B 165 11.95 -31.18 26.68
C LEU B 165 11.48 -31.78 25.36
N ALA B 166 11.75 -33.07 25.14
CA ALA B 166 11.41 -33.69 23.87
C ALA B 166 9.91 -33.65 23.58
N THR B 167 9.07 -33.70 24.62
CA THR B 167 7.65 -33.42 24.41
C THR B 167 7.43 -31.99 23.93
N ARG B 168 8.09 -31.03 24.57
CA ARG B 168 7.93 -29.64 24.16
C ARG B 168 8.44 -29.43 22.73
N THR B 169 9.56 -30.06 22.39
CA THR B 169 10.11 -29.92 21.05
C THR B 169 9.43 -30.78 20.00
N LEU B 170 8.56 -31.73 20.39
CA LEU B 170 7.82 -32.44 19.34
C LEU B 170 6.62 -31.63 18.88
N LEU B 171 5.71 -31.30 19.79
CA LEU B 171 4.57 -30.48 19.40
C LEU B 171 4.97 -29.06 19.04
N SER B 172 6.17 -28.63 19.42
CA SER B 172 6.76 -27.46 18.78
C SER B 172 7.00 -27.72 17.30
N ASN B 173 7.52 -28.91 16.98
CA ASN B 173 7.87 -29.26 15.61
C ASN B 173 6.71 -29.86 14.84
N LEU B 174 5.79 -30.56 15.52
CA LEU B 174 4.65 -31.13 14.83
C LEU B 174 3.72 -30.05 14.30
N ASN B 175 3.41 -29.07 15.14
CA ASN B 175 2.59 -27.94 14.72
C ASN B 175 3.32 -27.06 13.72
N ALA B 176 4.67 -27.11 13.70
CA ALA B 176 5.49 -26.19 12.92
C ALA B 176 5.37 -26.39 11.42
N VAL B 177 4.72 -27.47 10.96
CA VAL B 177 4.51 -27.65 9.53
C VAL B 177 3.65 -26.54 8.94
N ASP B 178 2.81 -25.89 9.76
CA ASP B 178 2.02 -24.78 9.26
C ASP B 178 2.89 -23.63 8.78
N VAL B 179 4.12 -23.54 9.30
CA VAL B 179 5.01 -22.43 8.96
C VAL B 179 5.38 -22.46 7.47
N TRP B 180 5.66 -23.66 6.94
CA TRP B 180 6.16 -23.79 5.58
C TRP B 180 5.17 -24.42 4.61
N TYR B 181 4.27 -25.28 5.08
CA TYR B 181 3.33 -25.96 4.19
C TYR B 181 2.15 -25.05 3.89
N ARG B 182 1.94 -24.71 2.62
CA ARG B 182 0.86 -23.79 2.26
C ARG B 182 -0.49 -24.52 2.12
N LYS B 183 -0.66 -25.25 1.00
CA LYS B 183 -1.85 -26.04 0.71
C LYS B 183 -1.72 -26.76 -0.66
N ILE B 184 -2.48 -27.78 -0.86
CA ILE B 184 -2.68 -28.33 -2.25
C ILE B 184 -4.14 -28.47 -2.62
N GLU B 185 -5.05 -28.65 -1.68
CA GLU B 185 -6.50 -28.68 -1.91
C GLU B 185 -6.86 -29.65 -3.04
N GLY B 186 -6.59 -30.92 -2.77
CA GLY B 186 -6.79 -31.96 -3.76
C GLY B 186 -5.74 -33.03 -3.68
N GLN B 187 -4.70 -32.77 -2.87
CA GLN B 187 -3.72 -33.81 -2.57
C GLN B 187 -4.41 -35.00 -1.93
N THR B 188 -4.28 -36.16 -2.57
CA THR B 188 -4.99 -37.36 -2.12
C THR B 188 -4.54 -37.77 -0.73
N GLU B 189 -5.26 -38.74 -0.18
CA GLU B 189 -4.88 -39.35 1.10
C GLU B 189 -3.45 -39.89 1.03
N LYS B 190 -3.08 -40.47 -0.10
CA LYS B 190 -1.74 -41.02 -0.26
C LYS B 190 -0.66 -39.95 -0.08
N GLU B 191 -0.81 -38.82 -0.79
CA GLU B 191 0.27 -37.83 -0.78
C GLU B 191 0.28 -36.97 0.48
N VAL B 192 -0.86 -36.80 1.17
CA VAL B 192 -0.77 -36.18 2.48
C VAL B 192 -0.09 -37.14 3.46
N HIS B 193 -0.41 -38.43 3.38
CA HIS B 193 0.17 -39.40 4.29
C HIS B 193 1.65 -39.60 4.01
N ASP B 194 2.04 -39.64 2.73
CA ASP B 194 3.43 -39.90 2.39
C ASP B 194 4.33 -38.69 2.56
N LEU B 195 3.78 -37.49 2.64
CA LEU B 195 4.56 -36.36 3.13
C LEU B 195 4.43 -36.20 4.64
N ALA B 196 3.34 -36.71 5.23
CA ALA B 196 3.28 -36.78 6.69
C ALA B 196 4.29 -37.78 7.23
N SER B 197 4.68 -38.76 6.42
CA SER B 197 5.60 -39.79 6.89
C SER B 197 7.06 -39.39 6.76
N GLN B 198 7.46 -38.74 5.67
CA GLN B 198 8.85 -38.30 5.57
C GLN B 198 9.11 -37.00 6.31
N VAL B 199 8.08 -36.33 6.83
CA VAL B 199 8.34 -35.19 7.70
C VAL B 199 8.64 -35.67 9.12
N VAL B 200 7.94 -36.71 9.59
CA VAL B 200 8.25 -37.25 10.92
C VAL B 200 9.49 -38.13 10.85
N ASP B 201 9.76 -38.76 9.70
CA ASP B 201 11.01 -39.49 9.54
C ASP B 201 12.19 -38.54 9.61
N LEU B 202 11.98 -37.28 9.22
CA LEU B 202 13.02 -36.27 9.36
C LEU B 202 13.21 -35.87 10.82
N LEU B 203 12.13 -35.81 11.60
CA LEU B 203 12.22 -35.40 12.99
C LEU B 203 12.61 -36.55 13.90
N ILE B 204 11.88 -37.67 13.82
CA ILE B 204 12.20 -38.83 14.66
C ILE B 204 13.56 -39.41 14.27
N GLY B 205 13.81 -39.55 12.98
CA GLY B 205 15.10 -40.07 12.55
C GLY B 205 16.23 -39.07 12.59
N GLY B 206 15.92 -37.77 12.73
CA GLY B 206 16.98 -36.79 12.63
C GLY B 206 17.60 -36.88 11.26
N ILE B 207 18.86 -36.46 11.14
CA ILE B 207 19.58 -36.66 9.89
C ILE B 207 21.02 -36.98 10.24
N GLY B 208 21.52 -38.11 9.74
CA GLY B 208 22.86 -38.60 10.03
C GLY B 208 22.85 -39.96 10.71
N ALA B 209 23.17 -41.01 9.97
CA ALA B 209 23.14 -42.38 10.48
C ALA B 209 24.48 -42.83 11.05
N THR B 210 25.48 -41.96 11.06
CA THR B 210 26.79 -42.30 11.59
C THR B 210 27.58 -41.04 11.94
N GLU C 11 20.23 32.93 6.73
CA GLU C 11 20.58 33.69 5.54
C GLU C 11 19.38 33.81 4.60
N SER C 12 19.65 34.11 3.33
CA SER C 12 18.61 34.26 2.33
C SER C 12 18.54 33.12 1.33
N ASP C 13 19.67 32.46 1.06
CA ASP C 13 19.65 31.27 0.21
C ASP C 13 18.91 30.13 0.88
N VAL C 14 19.07 30.00 2.20
CA VAL C 14 18.52 28.84 2.91
C VAL C 14 17.00 28.83 2.81
N LYS C 15 16.37 30.01 2.95
CA LYS C 15 14.92 30.07 2.75
C LYS C 15 14.55 29.66 1.34
N GLY C 16 15.30 30.11 0.33
CA GLY C 16 14.92 29.87 -1.05
C GLY C 16 14.80 28.39 -1.39
N ARG C 17 15.63 27.55 -0.76
CA ARG C 17 15.56 26.12 -0.98
C ARG C 17 14.55 25.42 -0.08
N ILE C 18 14.03 26.09 0.96
CA ILE C 18 12.81 25.61 1.60
C ILE C 18 11.64 25.76 0.65
N LEU C 19 11.47 26.96 0.10
CA LEU C 19 10.35 27.21 -0.82
C LEU C 19 10.49 26.39 -2.09
N ASP C 20 11.72 26.22 -2.57
CA ASP C 20 11.95 25.38 -3.74
C ASP C 20 11.47 23.95 -3.50
N ALA C 21 11.94 23.34 -2.40
CA ALA C 21 11.53 21.98 -2.09
C ALA C 21 10.07 21.90 -1.71
N ALA C 22 9.57 22.89 -0.95
CA ALA C 22 8.15 22.92 -0.59
C ALA C 22 7.28 22.91 -1.84
N ALA C 23 7.46 23.93 -2.70
CA ALA C 23 6.63 24.06 -3.90
C ALA C 23 6.62 22.78 -4.72
N ASP C 24 7.80 22.17 -4.91
CA ASP C 24 7.90 20.94 -5.67
C ASP C 24 7.09 19.83 -5.03
N ALA C 25 7.17 19.70 -3.70
CA ALA C 25 6.37 18.71 -2.99
C ALA C 25 4.88 19.01 -3.14
N PHE C 26 4.50 20.29 -3.06
CA PHE C 26 3.09 20.66 -3.14
C PHE C 26 2.47 20.26 -4.48
N LEU C 28 3.53 17.60 -6.34
CA LEU C 28 3.51 16.12 -6.47
C LEU C 28 2.56 15.47 -5.46
N ARG C 29 2.61 15.85 -4.19
CA ARG C 29 1.71 15.31 -3.17
C ARG C 29 0.44 16.12 -2.98
N GLY C 30 0.38 17.36 -3.45
CA GLY C 30 -0.68 18.26 -3.06
C GLY C 30 -0.37 18.91 -1.72
N PHE C 31 -1.05 20.03 -1.45
CA PHE C 31 -0.79 20.76 -0.22
C PHE C 31 -1.12 19.91 1.00
N ALA C 32 -2.23 19.18 0.96
CA ALA C 32 -2.69 18.42 2.11
C ALA C 32 -1.70 17.33 2.49
N ASN C 33 -1.14 16.63 1.49
CA ASN C 33 -0.38 15.42 1.76
C ASN C 33 1.10 15.66 2.01
N THR C 34 1.60 16.88 1.84
CA THR C 34 2.96 17.21 2.24
C THR C 34 2.95 17.61 3.71
N THR C 35 3.76 16.92 4.52
CA THR C 35 3.92 17.27 5.91
C THR C 35 5.11 18.22 6.06
N ILE C 36 5.18 18.88 7.22
CA ILE C 36 6.29 19.78 7.48
C ILE C 36 7.61 19.00 7.49
N ASP C 37 7.60 17.79 8.06
CA ASP C 37 8.78 16.95 8.04
C ASP C 37 9.12 16.51 6.62
N ASP C 38 8.13 16.34 5.75
CA ASP C 38 8.40 16.10 4.33
C ASP C 38 9.32 17.18 3.78
N ILE C 39 8.87 18.44 3.85
CA ILE C 39 9.65 19.56 3.34
C ILE C 39 11.01 19.62 4.03
N ALA C 40 11.04 19.29 5.33
CA ALA C 40 12.31 19.23 6.05
C ALA C 40 13.27 18.24 5.43
N ASP C 41 12.74 17.16 4.85
CA ASP C 41 13.61 16.13 4.28
C ASP C 41 14.20 16.57 2.95
N ASP C 42 13.36 17.05 2.03
CA ASP C 42 13.85 17.45 0.71
C ASP C 42 14.93 18.53 0.80
N VAL C 43 14.91 19.33 1.88
CA VAL C 43 16.00 20.25 2.14
C VAL C 43 17.07 19.64 3.04
N GLY C 44 16.80 18.49 3.64
CA GLY C 44 17.75 17.82 4.50
C GLY C 44 17.93 18.51 5.84
N ALA C 45 16.84 18.72 6.57
CA ALA C 45 16.88 19.52 7.80
C ALA C 45 15.72 19.09 8.69
N THR C 46 15.44 19.90 9.71
CA THR C 46 14.49 19.58 10.76
C THR C 46 13.35 20.58 10.80
N LYS C 47 12.24 20.17 11.42
CA LYS C 47 11.05 21.02 11.47
C LYS C 47 11.33 22.30 12.26
N GLY C 48 12.15 22.23 13.30
CA GLY C 48 12.51 23.41 14.03
C GLY C 48 13.25 24.45 13.21
N LEU C 49 13.77 24.07 12.04
CA LEU C 49 14.28 25.07 11.11
C LEU C 49 13.14 25.76 10.36
N ILE C 50 12.25 24.96 9.74
CA ILE C 50 11.18 25.57 8.94
C ILE C 50 10.30 26.49 9.78
N TYR C 51 10.12 26.17 11.07
CA TYR C 51 9.24 27.00 11.90
C TYR C 51 9.95 28.23 12.45
N TYR C 52 11.26 28.13 12.71
CA TYR C 52 12.09 29.33 12.84
C TYR C 52 11.92 30.22 11.62
N HIS C 53 11.71 29.61 10.46
CA HIS C 53 11.64 30.31 9.19
C HIS C 53 10.21 30.69 8.79
N PHE C 54 9.19 29.97 9.26
CA PHE C 54 7.82 30.24 8.85
C PHE C 54 6.88 29.95 10.02
N ARG C 55 5.99 30.89 10.31
CA ARG C 55 5.12 30.75 11.49
C ARG C 55 4.13 29.60 11.32
N SER C 56 3.68 29.34 10.09
CA SER C 56 2.73 28.26 9.84
C SER C 56 3.08 27.58 8.52
N LYS C 57 2.42 26.44 8.29
CA LYS C 57 2.59 25.74 7.02
C LYS C 57 1.91 26.47 5.88
N PHE C 58 0.80 27.16 6.17
CA PHE C 58 0.15 27.96 5.12
C PHE C 58 1.01 29.13 4.69
N ASP C 59 1.77 29.71 5.62
CA ASP C 59 2.70 30.78 5.26
C ASP C 59 3.72 30.29 4.23
N ILE C 60 4.19 29.05 4.40
CA ILE C 60 5.01 28.41 3.38
C ILE C 60 4.31 28.46 2.03
N PHE C 61 3.00 28.17 2.03
CA PHE C 61 2.24 28.13 0.78
C PHE C 61 2.12 29.50 0.15
N LEU C 62 1.83 30.54 0.95
CA LEU C 62 1.70 31.88 0.37
C LEU C 62 3.05 32.45 -0.03
N ALA C 63 4.11 32.14 0.73
CA ALA C 63 5.44 32.60 0.38
C ALA C 63 5.82 32.17 -1.03
N VAL C 64 5.49 30.94 -1.39
CA VAL C 64 5.75 30.49 -2.75
C VAL C 64 4.67 31.00 -3.71
N TYR C 65 3.41 31.11 -3.26
CA TYR C 65 2.41 31.80 -4.06
C TYR C 65 2.86 33.22 -4.37
N GLU C 66 3.33 33.94 -3.35
CA GLU C 66 3.74 35.33 -3.56
C GLU C 66 4.95 35.44 -4.46
N ASP C 67 5.86 34.46 -4.39
CA ASP C 67 7.08 34.51 -5.21
C ASP C 67 6.81 34.09 -6.64
N GLY C 68 6.09 32.97 -6.82
CA GLY C 68 5.82 32.46 -8.15
C GLY C 68 4.98 33.37 -9.02
N ARG C 70 5.20 37.06 -8.85
CA ARG C 70 6.11 38.09 -9.34
C ARG C 70 7.15 37.49 -10.28
N ARG C 71 7.44 36.19 -10.12
CA ARG C 71 8.34 35.50 -11.05
C ARG C 71 7.73 35.42 -12.45
N VAL C 72 6.43 35.12 -12.54
CA VAL C 72 5.83 34.96 -13.85
C VAL C 72 5.57 36.32 -14.48
N ARG C 73 5.27 37.33 -13.66
CA ARG C 73 4.96 38.66 -14.20
C ARG C 73 6.21 39.38 -14.68
N GLU C 74 7.36 39.09 -14.07
CA GLU C 74 8.60 39.77 -14.43
C GLU C 74 9.08 39.44 -15.84
N ARG C 75 8.54 38.41 -16.48
CA ARG C 75 8.97 38.04 -17.82
C ARG C 75 7.88 38.13 -18.87
N VAL C 76 6.69 38.63 -18.54
CA VAL C 76 5.61 38.65 -19.53
C VAL C 76 5.11 40.07 -19.76
N GLU C 77 5.24 40.95 -18.76
CA GLU C 77 4.94 42.36 -18.99
C GLU C 77 5.77 42.97 -20.12
N PRO C 78 7.09 42.71 -20.22
CA PRO C 78 7.84 43.27 -21.36
C PRO C 78 7.26 42.94 -22.72
N TYR C 79 6.35 41.96 -22.79
CA TYR C 79 5.76 41.56 -24.07
C TYR C 79 4.35 42.09 -24.30
N VAL C 80 3.71 42.67 -23.28
CA VAL C 80 2.42 43.32 -23.56
C VAL C 80 2.64 44.73 -24.10
N GLY C 81 3.78 45.34 -23.82
CA GLY C 81 4.14 46.60 -24.44
C GLY C 81 5.02 46.40 -25.66
N ALA C 82 5.50 45.18 -25.86
CA ALA C 82 6.40 44.90 -26.97
C ALA C 82 5.70 45.14 -28.31
N PRO C 83 6.43 45.66 -29.30
CA PRO C 83 5.80 45.95 -30.60
C PRO C 83 5.29 44.69 -31.28
N GLY C 84 4.21 44.86 -32.04
CA GLY C 84 3.53 43.78 -32.72
C GLY C 84 2.03 43.93 -32.56
N THR C 85 1.27 43.27 -33.43
CA THR C 85 -0.18 43.35 -33.35
C THR C 85 -0.65 42.48 -32.19
N GLY C 86 -1.97 42.32 -32.07
CA GLY C 86 -2.53 41.55 -30.97
C GLY C 86 -1.98 40.14 -30.89
N ARG C 87 -2.09 39.39 -31.99
CA ARG C 87 -1.62 38.01 -32.01
C ARG C 87 -0.13 37.93 -31.70
N GLN C 88 0.68 38.73 -32.39
CA GLN C 88 2.13 38.70 -32.20
C GLN C 88 2.51 38.78 -30.73
N ARG C 89 2.11 39.88 -30.08
CA ARG C 89 2.48 40.05 -28.68
C ARG C 89 1.76 39.06 -27.77
N LEU C 90 0.47 38.81 -28.02
CA LEU C 90 -0.24 37.80 -27.24
C LEU C 90 0.45 36.45 -27.34
N VAL C 91 0.80 36.03 -28.57
CA VAL C 91 1.61 34.82 -28.71
C VAL C 91 2.90 34.98 -27.93
N ALA C 92 3.56 36.13 -28.08
CA ALA C 92 4.80 36.40 -27.36
C ALA C 92 4.58 36.41 -25.85
N SER C 94 2.18 34.73 -24.21
CA SER C 94 1.84 33.39 -23.74
C SER C 94 3.08 32.50 -23.65
N VAL C 95 3.89 32.46 -24.71
CA VAL C 95 5.04 31.55 -24.72
C VAL C 95 5.99 31.90 -23.59
N ALA C 96 6.11 33.19 -23.25
CA ALA C 96 6.90 33.58 -22.09
C ALA C 96 6.28 33.03 -20.81
N HIS C 97 4.95 33.02 -20.72
CA HIS C 97 4.27 32.47 -19.55
C HIS C 97 4.47 30.97 -19.46
N VAL C 98 4.59 30.28 -20.60
CA VAL C 98 4.65 28.81 -20.59
C VAL C 98 6.02 28.32 -20.13
N GLU C 99 7.09 28.87 -20.70
CA GLU C 99 8.43 28.42 -20.30
C GLU C 99 8.67 28.69 -18.82
N ASN C 100 8.01 29.71 -18.27
CA ASN C 100 8.04 29.94 -16.83
C ASN C 100 7.56 28.70 -16.08
N LEU C 101 6.44 28.12 -16.51
CA LEU C 101 5.94 26.92 -15.86
C LEU C 101 6.81 25.71 -16.16
N ILE C 103 10.04 25.63 -16.23
CA ILE C 103 11.22 25.68 -15.39
C ILE C 103 10.88 25.83 -13.91
N ASP C 104 9.78 26.51 -13.59
CA ASP C 104 9.22 26.53 -12.24
C ASP C 104 7.76 26.09 -12.34
N LEU C 105 7.51 24.79 -12.25
CA LEU C 105 6.13 24.31 -12.15
C LEU C 105 5.75 23.88 -10.74
N GLY C 106 6.73 23.70 -9.86
CA GLY C 106 6.41 23.67 -8.44
C GLY C 106 5.79 24.98 -7.99
N TYR C 107 6.37 26.09 -8.46
CA TYR C 107 5.80 27.40 -8.19
C TYR C 107 4.56 27.67 -9.06
N HIS C 108 4.61 27.29 -10.34
CA HIS C 108 3.51 27.58 -11.25
C HIS C 108 2.22 26.89 -10.83
N HIS C 109 2.31 25.62 -10.44
CA HIS C 109 1.12 24.89 -10.01
C HIS C 109 0.47 25.56 -8.81
N VAL C 110 1.28 26.02 -7.86
CA VAL C 110 0.81 26.50 -6.57
C VAL C 110 -0.09 27.72 -6.69
N VAL C 111 -0.10 28.39 -7.85
CA VAL C 111 -0.90 29.61 -8.02
C VAL C 111 -2.39 29.33 -8.13
N HIS C 112 -2.80 28.07 -8.34
CA HIS C 112 -4.21 27.76 -8.54
C HIS C 112 -4.70 26.62 -7.65
N GLN C 113 -4.09 26.42 -6.49
CA GLN C 113 -4.42 25.30 -5.61
C GLN C 113 -4.98 25.78 -4.26
N GLY C 114 -5.62 26.94 -4.25
CA GLY C 114 -6.11 27.50 -2.99
C GLY C 114 -7.59 27.30 -2.75
N GLN C 118 -10.28 28.78 0.20
CA GLN C 118 -9.98 30.18 0.53
C GLN C 118 -10.63 30.56 1.85
N ALA C 119 -11.50 29.68 2.34
CA ALA C 119 -12.05 29.81 3.68
C ALA C 119 -12.18 28.45 4.36
N SER C 120 -11.61 27.39 3.77
CA SER C 120 -11.92 26.03 4.18
C SER C 120 -11.43 25.74 5.59
N THR C 121 -10.11 25.77 5.80
CA THR C 121 -9.49 25.40 7.05
C THR C 121 -9.00 26.65 7.76
N ALA C 122 -8.75 26.53 9.07
CA ALA C 122 -8.39 27.68 9.91
C ALA C 122 -7.28 28.50 9.27
N LEU C 123 -7.58 29.80 9.06
CA LEU C 123 -6.90 30.65 8.08
C LEU C 123 -6.53 32.01 8.68
N LYS C 124 -5.74 32.02 9.76
CA LYS C 124 -5.49 33.18 10.61
C LYS C 124 -5.56 34.50 9.85
N VAL C 125 -6.41 35.41 10.32
CA VAL C 125 -6.97 36.50 9.53
C VAL C 125 -5.97 37.18 8.61
N ARG C 126 -4.72 37.30 9.07
CA ARG C 126 -3.68 37.91 8.25
C ARG C 126 -3.56 37.21 6.90
N GLN C 127 -3.61 35.88 6.88
CA GLN C 127 -3.32 35.14 5.67
C GLN C 127 -4.55 34.92 4.80
N ARG C 128 -5.75 35.01 5.35
CA ARG C 128 -6.92 35.12 4.49
C ARG C 128 -6.97 36.50 3.84
N ASP C 129 -6.66 37.54 4.62
CA ASP C 129 -6.47 38.86 4.04
C ASP C 129 -5.30 38.86 3.06
N ALA C 130 -4.22 38.15 3.41
CA ALA C 130 -3.09 38.04 2.48
C ALA C 130 -3.46 37.25 1.24
N LEU C 131 -4.25 36.18 1.40
CA LEU C 131 -4.50 35.27 0.27
C LEU C 131 -5.37 35.94 -0.80
N ALA C 132 -6.59 36.33 -0.44
CA ALA C 132 -7.47 36.84 -1.49
C ALA C 132 -7.04 38.20 -2.00
N ALA C 133 -6.06 38.83 -1.35
CA ALA C 133 -5.30 39.87 -2.02
C ALA C 133 -4.36 39.28 -3.07
N LEU C 134 -3.68 38.18 -2.73
CA LEU C 134 -2.81 37.51 -3.70
C LEU C 134 -3.60 37.01 -4.90
N ASN C 135 -4.85 36.59 -4.68
CA ASN C 135 -5.71 36.24 -5.80
C ASN C 135 -5.94 37.43 -6.72
N GLU C 136 -5.94 38.65 -6.18
CA GLU C 136 -6.24 39.82 -6.99
C GLU C 136 -5.20 40.04 -8.07
N LEU C 137 -3.91 39.93 -7.72
CA LEU C 137 -2.87 40.07 -8.73
C LEU C 137 -2.92 38.96 -9.76
N ARG C 138 -3.52 37.82 -9.42
CA ARG C 138 -3.75 36.78 -10.42
C ARG C 138 -4.85 37.20 -11.40
N ARG C 139 -5.95 37.76 -10.88
CA ARG C 139 -7.00 38.26 -11.77
C ARG C 139 -6.48 39.40 -12.63
N ASP C 140 -5.74 40.34 -12.03
CA ASP C 140 -5.12 41.40 -12.81
C ASP C 140 -4.16 40.84 -13.84
N TYR C 141 -3.60 39.66 -13.57
CA TYR C 141 -2.71 39.01 -14.53
C TYR C 141 -3.50 38.47 -15.72
N GLU C 142 -4.61 37.77 -15.47
CA GLU C 142 -5.42 37.30 -16.58
C GLU C 142 -6.13 38.44 -17.29
N ARG C 143 -5.99 39.67 -16.81
CA ARG C 143 -6.59 40.82 -17.47
C ARG C 143 -5.72 41.34 -18.61
N PHE C 145 -4.00 39.58 -20.63
CA PHE C 145 -4.51 38.77 -21.73
C PHE C 145 -5.90 39.24 -22.15
N HIS C 146 -6.87 39.23 -21.22
CA HIS C 146 -8.23 39.65 -21.53
C HIS C 146 -8.27 40.97 -22.27
N HIS C 147 -7.28 41.83 -22.04
CA HIS C 147 -7.19 43.07 -22.80
C HIS C 147 -6.64 42.81 -24.19
N VAL C 148 -5.47 42.17 -24.30
CA VAL C 148 -4.83 42.02 -25.61
C VAL C 148 -5.63 41.08 -26.53
N ILE C 149 -6.35 40.09 -25.99
CA ILE C 149 -7.28 39.37 -26.87
C ILE C 149 -8.41 40.29 -27.31
N THR C 150 -8.94 41.12 -26.40
CA THR C 150 -9.92 42.12 -26.83
C THR C 150 -9.30 43.08 -27.84
N GLU C 151 -8.03 43.46 -27.62
CA GLU C 151 -7.30 44.25 -28.59
C GLU C 151 -6.92 43.47 -29.84
N GLY C 152 -6.99 42.14 -29.78
CA GLY C 152 -6.67 41.31 -30.93
C GLY C 152 -7.87 41.06 -31.82
N ILE C 153 -9.04 40.85 -31.21
CA ILE C 153 -10.26 40.72 -32.00
C ILE C 153 -10.65 42.04 -32.63
N ALA C 154 -10.18 43.16 -32.06
CA ALA C 154 -10.55 44.48 -32.59
C ALA C 154 -9.80 44.83 -33.86
N ASP C 155 -8.57 44.34 -34.03
CA ASP C 155 -7.79 44.71 -35.21
C ASP C 155 -7.95 43.70 -36.35
N GLY C 156 -7.89 42.41 -36.05
CA GLY C 156 -8.03 41.39 -37.08
C GLY C 156 -6.97 40.31 -37.03
N SER C 157 -6.00 40.45 -36.13
CA SER C 157 -5.03 39.38 -35.92
C SER C 157 -5.65 38.19 -35.20
N LEU C 158 -6.80 38.40 -34.55
CA LEU C 158 -7.52 37.36 -33.84
C LEU C 158 -8.92 37.23 -34.44
N ARG C 159 -9.42 36.00 -34.53
CA ARG C 159 -10.75 35.83 -35.11
C ARG C 159 -11.82 36.31 -34.14
N ASN C 160 -13.04 36.45 -34.68
CA ASN C 160 -14.15 37.08 -33.97
C ASN C 160 -14.81 36.08 -33.03
N VAL C 161 -14.31 36.01 -31.79
CA VAL C 161 -14.85 35.12 -30.77
C VAL C 161 -15.07 35.92 -29.48
N ASP C 162 -15.83 35.31 -28.57
CA ASP C 162 -16.13 35.85 -27.26
C ASP C 162 -14.83 36.14 -26.51
N ASP C 163 -14.57 37.43 -26.25
CA ASP C 163 -13.31 37.81 -25.62
C ASP C 163 -13.24 37.37 -24.16
N ALA C 164 -14.39 37.29 -23.48
CA ALA C 164 -14.40 36.79 -22.10
C ALA C 164 -14.07 35.30 -22.07
N LEU C 165 -14.72 34.51 -22.90
CA LEU C 165 -14.49 33.06 -22.91
C LEU C 165 -13.10 32.74 -23.45
N ALA C 166 -12.71 33.38 -24.55
CA ALA C 166 -11.40 33.13 -25.15
C ALA C 166 -10.27 33.45 -24.19
N THR C 167 -10.45 34.43 -23.32
CA THR C 167 -9.49 34.65 -22.25
C THR C 167 -9.48 33.49 -21.28
N ARG C 168 -10.65 33.14 -20.74
CA ARG C 168 -10.73 32.05 -19.76
C ARG C 168 -10.15 30.76 -20.32
N THR C 169 -10.56 30.41 -21.54
CA THR C 169 -10.06 29.18 -22.14
C THR C 169 -8.60 29.28 -22.57
N LEU C 170 -8.05 30.48 -22.70
CA LEU C 170 -6.64 30.57 -23.16
C LEU C 170 -5.65 30.32 -22.03
N LEU C 171 -5.72 31.05 -20.91
CA LEU C 171 -4.72 30.81 -19.83
C LEU C 171 -5.07 29.57 -19.03
N SER C 172 -6.32 29.11 -19.10
CA SER C 172 -6.75 27.85 -18.46
C SER C 172 -5.93 26.77 -19.16
N ASN C 173 -5.84 26.88 -20.48
CA ASN C 173 -5.07 26.01 -21.35
C ASN C 173 -3.57 26.18 -21.10
N LEU C 174 -3.11 27.42 -21.02
CA LEU C 174 -1.67 27.66 -20.82
C LEU C 174 -1.20 27.12 -19.48
N ASN C 175 -2.10 27.08 -18.48
CA ASN C 175 -1.76 26.49 -17.20
C ASN C 175 -1.93 24.98 -17.18
N ALA C 176 -2.76 24.43 -18.07
CA ALA C 176 -2.97 22.99 -18.16
C ALA C 176 -1.77 22.23 -18.72
N VAL C 177 -0.65 22.93 -18.97
CA VAL C 177 0.56 22.25 -19.46
C VAL C 177 1.13 21.35 -18.37
N ASP C 178 0.97 21.72 -17.10
CA ASP C 178 1.54 20.92 -16.01
C ASP C 178 0.91 19.53 -15.92
N VAL C 179 -0.20 19.30 -16.63
CA VAL C 179 -0.79 17.96 -16.68
C VAL C 179 0.20 16.95 -17.22
N TRP C 180 0.83 17.26 -18.35
CA TRP C 180 1.72 16.31 -19.03
C TRP C 180 3.19 16.65 -18.89
N TYR C 181 3.57 17.93 -18.85
CA TYR C 181 4.97 18.29 -18.68
C TYR C 181 5.40 17.99 -17.25
N ARG C 182 6.35 17.08 -17.07
CA ARG C 182 6.78 16.69 -15.73
C ARG C 182 7.89 17.62 -15.16
N LYS C 183 9.10 17.49 -15.73
CA LYS C 183 10.27 18.29 -15.37
C LYS C 183 11.44 17.72 -16.16
N ILE C 184 12.54 18.46 -16.34
CA ILE C 184 13.69 17.80 -16.95
C ILE C 184 14.97 18.06 -16.15
N GLU C 185 15.05 19.20 -15.47
CA GLU C 185 16.15 19.49 -14.55
C GLU C 185 17.51 19.24 -15.22
N GLY C 186 17.84 20.13 -16.14
CA GLY C 186 18.98 19.90 -17.01
C GLY C 186 18.62 20.11 -18.47
N GLN C 187 17.54 20.84 -18.69
CA GLN C 187 17.10 21.24 -20.03
C GLN C 187 17.65 22.63 -20.33
N THR C 188 18.12 22.82 -21.56
CA THR C 188 18.63 24.13 -21.96
C THR C 188 17.49 25.13 -22.03
N GLU C 189 17.81 26.41 -21.81
CA GLU C 189 16.84 27.47 -21.97
C GLU C 189 16.25 27.46 -23.38
N LYS C 190 17.07 27.11 -24.38
CA LYS C 190 16.62 27.19 -25.76
C LYS C 190 15.74 26.02 -26.17
N GLU C 191 15.94 24.83 -25.61
CA GLU C 191 15.02 23.74 -25.90
C GLU C 191 13.72 23.85 -25.11
N VAL C 192 13.71 24.64 -24.04
CA VAL C 192 12.47 24.97 -23.35
C VAL C 192 11.66 25.97 -24.19
N HIS C 193 12.31 27.07 -24.58
CA HIS C 193 11.67 28.07 -25.43
C HIS C 193 11.20 27.46 -26.74
N ASP C 194 11.98 26.52 -27.28
CA ASP C 194 11.56 25.86 -28.53
C ASP C 194 10.30 25.04 -28.33
N LEU C 195 10.16 24.36 -27.19
CA LEU C 195 8.96 23.56 -26.95
C LEU C 195 7.77 24.44 -26.59
N ALA C 196 7.99 25.51 -25.83
CA ALA C 196 6.89 26.37 -25.42
C ALA C 196 6.17 26.97 -26.62
N SER C 197 6.90 27.24 -27.71
CA SER C 197 6.27 27.80 -28.90
C SER C 197 5.37 26.77 -29.58
N GLN C 198 5.83 25.52 -29.68
CA GLN C 198 5.01 24.46 -30.26
C GLN C 198 3.69 24.32 -29.52
N VAL C 199 3.73 24.45 -28.19
CA VAL C 199 2.50 24.42 -27.41
C VAL C 199 1.57 25.55 -27.83
N VAL C 200 2.09 26.78 -27.85
CA VAL C 200 1.24 27.91 -28.18
C VAL C 200 0.92 27.99 -29.67
N ASP C 201 1.72 27.35 -30.52
CA ASP C 201 1.37 27.30 -31.94
C ASP C 201 0.09 26.50 -32.16
N LEU C 202 -0.23 25.57 -31.26
CA LEU C 202 -1.49 24.84 -31.30
C LEU C 202 -2.61 25.59 -30.58
N LEU C 203 -2.28 26.21 -29.45
CA LEU C 203 -3.28 26.99 -28.72
C LEU C 203 -3.79 28.16 -29.55
N ILE C 204 -2.89 28.85 -30.25
CA ILE C 204 -3.29 29.99 -31.05
C ILE C 204 -3.81 29.55 -32.40
N GLY C 205 -3.06 28.72 -33.11
CA GLY C 205 -3.43 28.31 -34.44
C GLY C 205 -4.55 27.28 -34.50
N GLY C 206 -4.97 26.73 -33.36
CA GLY C 206 -5.90 25.65 -33.47
C GLY C 206 -5.28 24.53 -34.28
N ILE C 207 -6.14 23.75 -34.94
CA ILE C 207 -5.68 22.67 -35.83
C ILE C 207 -6.72 22.57 -36.94
N GLY C 208 -6.32 22.88 -38.19
CA GLY C 208 -7.20 22.79 -39.33
C GLY C 208 -7.04 23.89 -40.36
N ALA C 209 -6.77 23.52 -41.62
CA ALA C 209 -6.44 24.47 -42.68
C ALA C 209 -7.69 24.98 -43.39
N THR C 210 -7.51 25.66 -44.53
CA THR C 210 -8.59 26.31 -45.25
C THR C 210 -8.86 25.68 -46.63
N ALA C 211 -7.87 25.71 -47.51
CA ALA C 211 -8.02 25.22 -48.89
C ALA C 211 -9.25 25.83 -49.58
N GLU D 11 -32.35 -0.98 -4.35
CA GLU D 11 -31.24 -1.90 -4.54
C GLU D 11 -29.91 -1.21 -4.28
N SER D 12 -29.03 -1.22 -5.28
CA SER D 12 -27.76 -0.50 -5.19
C SER D 12 -27.87 0.91 -5.77
N ASP D 13 -28.90 1.65 -5.33
CA ASP D 13 -29.02 3.06 -5.66
C ASP D 13 -28.77 3.96 -4.45
N VAL D 14 -28.74 3.40 -3.25
CA VAL D 14 -28.20 4.12 -2.10
C VAL D 14 -26.71 4.37 -2.31
N LYS D 15 -26.00 3.38 -2.87
CA LYS D 15 -24.58 3.55 -3.16
C LYS D 15 -24.36 4.70 -4.12
N GLY D 16 -25.23 4.85 -5.13
CA GLY D 16 -25.11 5.97 -6.04
C GLY D 16 -25.23 7.32 -5.35
N ARG D 17 -26.14 7.41 -4.36
CA ARG D 17 -26.26 8.63 -3.58
C ARG D 17 -24.97 8.91 -2.82
N ILE D 18 -24.34 7.87 -2.28
CA ILE D 18 -23.06 8.03 -1.59
C ILE D 18 -21.99 8.51 -2.57
N LEU D 19 -21.98 7.94 -3.77
CA LEU D 19 -21.02 8.37 -4.80
C LEU D 19 -21.28 9.81 -5.22
N ASP D 20 -22.54 10.13 -5.55
CA ASP D 20 -22.91 11.50 -5.90
C ASP D 20 -22.45 12.47 -4.83
N ALA D 21 -22.76 12.16 -3.57
CA ALA D 21 -22.34 13.01 -2.46
C ALA D 21 -20.82 13.05 -2.34
N ALA D 22 -20.17 11.89 -2.42
CA ALA D 22 -18.71 11.84 -2.28
C ALA D 22 -18.02 12.54 -3.43
N ALA D 23 -18.53 12.34 -4.66
CA ALA D 23 -17.88 12.94 -5.83
C ALA D 23 -17.85 14.46 -5.73
N ASP D 24 -18.98 15.06 -5.35
CA ASP D 24 -19.02 16.51 -5.14
C ASP D 24 -18.09 16.92 -4.02
N ALA D 25 -18.26 16.32 -2.84
CA ALA D 25 -17.46 16.69 -1.68
C ALA D 25 -15.97 16.56 -1.96
N PHE D 26 -15.59 15.53 -2.74
CA PHE D 26 -14.20 15.41 -3.15
C PHE D 26 -13.80 16.55 -4.09
N LEU D 28 -14.92 19.73 -4.26
CA LEU D 28 -14.73 21.02 -3.59
C LEU D 28 -13.71 20.93 -2.46
N ARG D 29 -14.00 20.12 -1.44
CA ARG D 29 -13.14 20.08 -0.27
C ARG D 29 -11.83 19.35 -0.53
N GLY D 30 -11.85 18.33 -1.39
CA GLY D 30 -10.68 17.49 -1.59
C GLY D 30 -10.79 16.20 -0.80
N PHE D 31 -9.98 15.21 -1.22
CA PHE D 31 -10.01 13.90 -0.61
C PHE D 31 -9.64 13.97 0.87
N ALA D 32 -8.63 14.77 1.20
CA ALA D 32 -8.16 14.83 2.58
C ALA D 32 -9.20 15.43 3.52
N ASN D 33 -9.76 16.58 3.15
CA ASN D 33 -10.68 17.29 4.03
C ASN D 33 -12.10 16.73 4.00
N THR D 34 -12.42 15.88 3.03
CA THR D 34 -13.69 15.17 3.06
C THR D 34 -13.59 14.02 4.04
N THR D 35 -14.38 14.07 5.10
CA THR D 35 -14.43 12.99 6.08
C THR D 35 -15.67 12.14 5.81
N ILE D 36 -15.63 10.90 6.31
CA ILE D 36 -16.74 9.99 6.07
C ILE D 36 -18.00 10.55 6.71
N ASP D 37 -17.89 11.07 7.94
CA ASP D 37 -19.03 11.71 8.58
C ASP D 37 -19.56 12.86 7.74
N ASP D 38 -18.69 13.56 7.00
CA ASP D 38 -19.16 14.58 6.07
C ASP D 38 -19.98 13.95 4.96
N ILE D 39 -19.40 12.96 4.26
CA ILE D 39 -20.14 12.22 3.24
C ILE D 39 -21.40 11.63 3.84
N ALA D 40 -21.32 11.16 5.08
CA ALA D 40 -22.51 10.69 5.78
C ALA D 40 -23.54 11.79 5.95
N ASP D 41 -23.10 13.05 6.07
CA ASP D 41 -24.03 14.16 6.24
C ASP D 41 -24.67 14.56 4.92
N ASP D 42 -23.91 14.52 3.82
CA ASP D 42 -24.42 15.00 2.54
C ASP D 42 -25.66 14.23 2.10
N VAL D 43 -25.80 12.98 2.55
CA VAL D 43 -26.94 12.14 2.22
C VAL D 43 -27.74 11.77 3.46
N GLY D 44 -27.49 12.44 4.58
CA GLY D 44 -28.31 12.31 5.78
C GLY D 44 -28.31 10.94 6.43
N ALA D 45 -27.13 10.48 6.86
CA ALA D 45 -26.99 9.24 7.58
C ALA D 45 -25.74 9.33 8.43
N THR D 46 -25.40 8.22 9.08
CA THR D 46 -24.19 8.17 9.88
C THR D 46 -23.01 7.63 9.07
N LYS D 47 -21.85 7.65 9.72
CA LYS D 47 -20.67 6.95 9.22
C LYS D 47 -20.98 5.50 8.85
N GLY D 48 -21.96 4.90 9.51
CA GLY D 48 -22.22 3.48 9.31
C GLY D 48 -22.70 3.13 7.93
N LEU D 49 -23.66 3.88 7.40
CA LEU D 49 -24.22 3.53 6.09
C LEU D 49 -23.16 3.67 4.99
N ILE D 50 -22.29 4.67 5.10
CA ILE D 50 -21.15 4.77 4.20
C ILE D 50 -20.28 3.52 4.30
N TYR D 51 -20.02 3.07 5.53
CA TYR D 51 -19.21 1.89 5.76
C TYR D 51 -19.97 0.58 5.56
N TYR D 52 -21.29 0.62 5.45
CA TYR D 52 -21.98 -0.62 5.12
C TYR D 52 -21.86 -0.96 3.64
N HIS D 53 -21.54 0.00 2.79
CA HIS D 53 -21.44 -0.24 1.36
C HIS D 53 -20.01 -0.21 0.83
N PHE D 54 -19.02 0.02 1.69
CA PHE D 54 -17.63 0.12 1.25
C PHE D 54 -16.70 -0.31 2.40
N ARG D 55 -15.64 -1.04 2.05
CA ARG D 55 -14.71 -1.49 3.08
C ARG D 55 -13.85 -0.35 3.61
N SER D 56 -13.55 0.64 2.76
CA SER D 56 -12.65 1.72 3.17
C SER D 56 -13.09 3.02 2.52
N LYS D 57 -12.41 4.11 2.92
CA LYS D 57 -12.63 5.41 2.31
C LYS D 57 -12.00 5.48 0.93
N PHE D 58 -10.81 4.92 0.76
CA PHE D 58 -10.24 4.89 -0.57
C PHE D 58 -11.08 4.05 -1.52
N ASP D 59 -11.94 3.18 -0.98
CA ASP D 59 -12.82 2.37 -1.82
C ASP D 59 -13.97 3.21 -2.39
N ILE D 60 -14.48 4.20 -1.64
CA ILE D 60 -15.45 5.10 -2.25
C ILE D 60 -14.77 5.99 -3.27
N PHE D 61 -13.48 6.27 -3.09
CA PHE D 61 -12.76 7.06 -4.07
C PHE D 61 -12.64 6.30 -5.39
N LEU D 62 -12.23 5.04 -5.33
CA LEU D 62 -12.13 4.22 -6.54
C LEU D 62 -13.50 4.03 -7.19
N ALA D 63 -14.56 3.99 -6.39
CA ALA D 63 -15.90 3.82 -6.95
C ALA D 63 -16.35 5.03 -7.75
N VAL D 64 -15.95 6.22 -7.33
CA VAL D 64 -16.25 7.43 -8.12
C VAL D 64 -15.42 7.44 -9.40
N TYR D 65 -14.13 7.10 -9.28
CA TYR D 65 -13.25 7.03 -10.45
C TYR D 65 -13.78 6.04 -11.47
N GLU D 66 -14.08 4.81 -11.03
CA GLU D 66 -14.56 3.77 -11.94
C GLU D 66 -15.83 4.21 -12.65
N ASP D 67 -16.80 4.73 -11.90
CA ASP D 67 -18.04 5.21 -12.50
C ASP D 67 -17.78 6.38 -13.44
N GLY D 68 -16.92 7.31 -13.02
CA GLY D 68 -16.63 8.47 -13.85
C GLY D 68 -16.05 8.10 -15.20
N ARG D 70 -16.44 5.22 -16.62
CA ARG D 70 -17.44 4.44 -17.32
C ARG D 70 -18.39 5.33 -18.12
N ARG D 71 -18.79 6.46 -17.54
CA ARG D 71 -19.74 7.35 -18.22
C ARG D 71 -19.09 8.05 -19.43
N VAL D 72 -17.92 8.64 -19.22
CA VAL D 72 -17.31 9.45 -20.27
C VAL D 72 -16.96 8.58 -21.47
N ARG D 73 -16.57 7.33 -21.24
CA ARG D 73 -16.33 6.42 -22.35
C ARG D 73 -17.63 6.04 -23.04
N GLU D 74 -18.74 5.95 -22.30
CA GLU D 74 -20.02 5.65 -22.93
C GLU D 74 -20.50 6.80 -23.80
N ARG D 75 -20.29 8.05 -23.36
CA ARG D 75 -20.79 9.20 -24.10
C ARG D 75 -19.93 9.53 -25.32
N VAL D 76 -18.63 9.27 -25.24
CA VAL D 76 -17.69 9.74 -26.25
C VAL D 76 -17.42 8.70 -27.32
N GLU D 77 -17.32 7.42 -26.92
CA GLU D 77 -16.92 6.39 -27.87
C GLU D 77 -17.80 6.28 -29.12
N PRO D 78 -19.13 6.38 -29.05
CA PRO D 78 -19.92 6.22 -30.29
C PRO D 78 -19.68 7.28 -31.35
N TYR D 79 -18.73 8.18 -31.11
CA TYR D 79 -18.46 9.27 -32.03
C TYR D 79 -17.19 9.08 -32.86
N VAL D 80 -16.38 8.07 -32.56
CA VAL D 80 -15.18 7.81 -33.36
C VAL D 80 -15.46 6.78 -34.45
N GLY D 81 -16.25 5.75 -34.16
CA GLY D 81 -16.67 4.82 -35.19
C GLY D 81 -17.75 5.43 -36.08
N ALA D 82 -17.90 6.73 -35.99
CA ALA D 82 -18.94 7.48 -36.69
C ALA D 82 -18.41 8.01 -38.02
N PRO D 83 -19.32 8.49 -38.89
CA PRO D 83 -18.86 9.09 -40.15
C PRO D 83 -18.21 10.45 -39.94
N GLY D 84 -17.90 11.13 -41.05
CA GLY D 84 -17.15 12.36 -41.00
C GLY D 84 -15.66 12.11 -41.08
N THR D 85 -14.91 13.21 -41.16
CA THR D 85 -13.47 13.10 -41.26
C THR D 85 -12.86 12.88 -39.88
N GLY D 86 -11.54 12.73 -39.85
CA GLY D 86 -10.84 12.66 -38.57
C GLY D 86 -11.06 13.90 -37.73
N ARG D 87 -11.11 15.07 -38.38
CA ARG D 87 -11.43 16.30 -37.67
C ARG D 87 -12.85 16.28 -37.15
N GLN D 88 -13.83 16.10 -38.04
CA GLN D 88 -15.23 16.16 -37.65
C GLN D 88 -15.57 15.14 -36.58
N ARG D 89 -14.86 14.01 -36.56
CA ARG D 89 -15.02 13.08 -35.45
C ARG D 89 -14.34 13.62 -34.19
N LEU D 90 -13.14 14.18 -34.34
CA LEU D 90 -12.44 14.76 -33.19
C LEU D 90 -13.29 15.81 -32.49
N VAL D 91 -13.86 16.74 -33.26
CA VAL D 91 -14.72 17.75 -32.66
C VAL D 91 -15.97 17.13 -32.08
N ALA D 92 -16.44 16.01 -32.66
CA ALA D 92 -17.63 15.35 -32.12
C ALA D 92 -17.36 14.75 -30.75
N SER D 94 -14.81 15.55 -28.80
CA SER D 94 -14.33 16.60 -27.90
C SER D 94 -15.49 17.37 -27.28
N VAL D 95 -16.55 17.64 -28.05
CA VAL D 95 -17.74 18.24 -27.47
C VAL D 95 -18.36 17.31 -26.44
N ALA D 96 -18.44 16.01 -26.75
CA ALA D 96 -19.00 15.04 -25.82
C ALA D 96 -18.18 14.98 -24.54
N HIS D 97 -16.85 15.03 -24.65
CA HIS D 97 -16.00 14.96 -23.47
C HIS D 97 -16.23 16.16 -22.56
N VAL D 98 -16.28 17.38 -23.12
CA VAL D 98 -16.54 18.55 -22.30
C VAL D 98 -18.00 18.57 -21.86
N GLU D 99 -18.89 17.92 -22.60
CA GLU D 99 -20.26 17.79 -22.11
C GLU D 99 -20.31 16.98 -20.82
N ASN D 100 -19.60 15.83 -20.80
CA ASN D 100 -19.48 15.07 -19.55
C ASN D 100 -18.89 15.91 -18.45
N LEU D 101 -17.88 16.73 -18.78
CA LEU D 101 -17.33 17.70 -17.85
C LEU D 101 -18.41 18.57 -17.22
N ILE D 103 -21.76 18.45 -17.01
CA ILE D 103 -22.93 17.92 -16.32
C ILE D 103 -22.56 17.14 -15.07
N ASP D 104 -21.50 16.34 -15.11
CA ASP D 104 -21.04 15.57 -13.95
C ASP D 104 -19.55 15.85 -13.75
N LEU D 105 -19.25 16.93 -13.04
CA LEU D 105 -17.89 17.36 -12.80
C LEU D 105 -17.37 16.97 -11.42
N GLY D 106 -18.25 16.63 -10.48
CA GLY D 106 -17.81 15.95 -9.28
C GLY D 106 -17.19 14.60 -9.60
N TYR D 107 -17.70 13.94 -10.65
CA TYR D 107 -17.13 12.67 -11.08
C TYR D 107 -15.85 12.86 -11.88
N HIS D 108 -15.86 13.80 -12.85
CA HIS D 108 -14.68 13.98 -13.70
C HIS D 108 -13.49 14.47 -12.91
N HIS D 109 -13.73 15.22 -11.84
CA HIS D 109 -12.62 15.81 -11.10
C HIS D 109 -11.78 14.76 -10.38
N VAL D 110 -12.35 13.60 -10.08
CA VAL D 110 -11.57 12.56 -9.40
C VAL D 110 -10.82 11.67 -10.38
N VAL D 111 -11.33 11.51 -11.61
CA VAL D 111 -10.55 10.80 -12.61
C VAL D 111 -9.45 11.70 -13.16
N HIS D 112 -9.62 13.01 -13.04
CA HIS D 112 -8.65 13.99 -13.51
C HIS D 112 -7.70 14.44 -12.41
N GLN D 113 -7.73 13.80 -11.25
CA GLN D 113 -6.85 14.16 -10.14
C GLN D 113 -6.81 13.00 -9.17
N GLY D 114 -5.62 12.60 -8.75
CA GLY D 114 -5.49 11.46 -7.89
C GLY D 114 -4.38 10.53 -8.33
N VAL D 115 -3.60 10.97 -9.32
CA VAL D 115 -2.47 10.17 -9.76
C VAL D 115 -1.35 10.13 -8.69
N ARG D 116 -1.33 11.00 -7.67
CA ARG D 116 -0.17 10.95 -6.77
C ARG D 116 -0.23 9.72 -5.87
N ASP D 117 -1.46 9.21 -5.64
CA ASP D 117 -1.61 8.12 -4.69
C ASP D 117 -0.69 6.92 -5.02
N GLN D 118 -0.26 6.83 -6.27
CA GLN D 118 0.57 5.79 -6.86
C GLN D 118 1.61 5.20 -5.90
N ALA D 119 2.38 6.03 -5.20
CA ALA D 119 3.47 5.50 -4.39
C ALA D 119 3.62 6.08 -2.99
N SER D 120 2.90 7.14 -2.61
CA SER D 120 3.12 7.84 -1.35
C SER D 120 1.95 7.76 -0.39
N THR D 121 0.85 7.12 -0.75
CA THR D 121 -0.27 6.92 0.15
C THR D 121 -0.39 5.44 0.51
N ALA D 122 -0.84 5.18 1.73
CA ALA D 122 -0.99 3.80 2.18
C ALA D 122 -2.18 3.15 1.49
N LEU D 123 -1.95 1.98 0.90
CA LEU D 123 -2.99 1.29 0.14
C LEU D 123 -2.81 -0.21 0.30
N LYS D 124 -3.93 -0.91 0.46
CA LYS D 124 -3.92 -2.35 0.25
C LYS D 124 -3.65 -2.63 -1.23
N VAL D 125 -2.96 -3.75 -1.49
CA VAL D 125 -2.52 -4.00 -2.85
C VAL D 125 -3.68 -4.30 -3.79
N ARG D 126 -4.86 -4.62 -3.25
CA ARG D 126 -6.05 -4.62 -4.09
C ARG D 126 -6.39 -3.20 -4.50
N GLN D 127 -6.23 -2.24 -3.59
CA GLN D 127 -6.53 -0.84 -3.89
C GLN D 127 -5.51 -0.25 -4.86
N ARG D 128 -4.22 -0.48 -4.60
CA ARG D 128 -3.18 0.06 -5.48
C ARG D 128 -3.29 -0.54 -6.87
N ASP D 129 -3.58 -1.83 -6.96
CA ASP D 129 -3.74 -2.47 -8.26
C ASP D 129 -5.02 -2.01 -8.94
N ALA D 130 -6.14 -2.00 -8.21
CA ALA D 130 -7.40 -1.57 -8.81
C ALA D 130 -7.33 -0.12 -9.28
N LEU D 131 -6.52 0.71 -8.64
CA LEU D 131 -6.33 2.07 -9.12
C LEU D 131 -5.48 2.10 -10.38
N ALA D 132 -4.43 1.27 -10.44
CA ALA D 132 -3.60 1.21 -11.63
C ALA D 132 -4.38 0.72 -12.84
N ALA D 133 -5.41 -0.11 -12.61
CA ALA D 133 -6.27 -0.56 -13.71
C ALA D 133 -7.00 0.61 -14.35
N LEU D 134 -7.67 1.42 -13.53
CA LEU D 134 -8.45 2.54 -14.06
C LEU D 134 -7.56 3.56 -14.76
N ASN D 135 -6.34 3.75 -14.28
CA ASN D 135 -5.42 4.69 -14.92
C ASN D 135 -5.07 4.25 -16.33
N GLU D 136 -5.06 2.95 -16.60
CA GLU D 136 -4.90 2.46 -17.97
C GLU D 136 -6.23 2.35 -18.70
N LEU D 137 -7.34 2.32 -17.98
CA LEU D 137 -8.61 2.64 -18.61
C LEU D 137 -8.61 4.09 -19.11
N ARG D 138 -7.95 4.98 -18.36
CA ARG D 138 -7.75 6.34 -18.82
C ARG D 138 -6.94 6.39 -20.10
N ARG D 139 -5.75 5.77 -20.09
CA ARG D 139 -4.83 5.89 -21.22
C ARG D 139 -5.42 5.31 -22.49
N ASP D 140 -6.25 4.28 -22.37
CA ASP D 140 -6.92 3.72 -23.54
C ASP D 140 -8.03 4.62 -24.04
N TYR D 141 -8.77 5.25 -23.13
CA TYR D 141 -9.69 6.31 -23.52
C TYR D 141 -8.95 7.42 -24.26
N GLU D 142 -7.84 7.89 -23.68
CA GLU D 142 -7.12 9.01 -24.25
C GLU D 142 -6.44 8.67 -25.57
N ARG D 143 -6.10 7.41 -25.82
CA ARG D 143 -5.52 7.05 -27.10
C ARG D 143 -6.57 6.78 -28.18
N PHE D 145 -8.36 9.35 -28.74
CA PHE D 145 -8.08 10.67 -29.30
C PHE D 145 -6.82 10.65 -30.14
N HIS D 146 -5.76 9.98 -29.65
CA HIS D 146 -4.51 9.94 -30.42
C HIS D 146 -4.71 9.31 -31.77
N HIS D 147 -5.43 8.17 -31.81
CA HIS D 147 -5.66 7.51 -33.09
C HIS D 147 -6.31 8.46 -34.08
N VAL D 148 -7.26 9.26 -33.62
CA VAL D 148 -8.08 10.04 -34.55
C VAL D 148 -7.35 11.30 -35.03
N ILE D 149 -6.58 11.96 -34.15
CA ILE D 149 -5.78 13.10 -34.60
C ILE D 149 -4.81 12.67 -35.69
N THR D 150 -4.25 11.46 -35.57
CA THR D 150 -3.40 10.94 -36.63
C THR D 150 -4.20 10.73 -37.92
N GLU D 151 -5.39 10.14 -37.81
CA GLU D 151 -6.25 10.01 -38.99
C GLU D 151 -6.64 11.38 -39.53
N GLY D 152 -6.95 12.33 -38.65
CA GLY D 152 -7.24 13.67 -39.10
C GLY D 152 -6.04 14.36 -39.71
N ILE D 153 -4.88 14.26 -39.06
CA ILE D 153 -3.66 14.90 -39.57
C ILE D 153 -3.28 14.30 -40.92
N ALA D 154 -3.09 12.97 -40.96
CA ALA D 154 -2.58 12.33 -42.16
C ALA D 154 -3.50 12.54 -43.34
N ASP D 155 -4.76 12.12 -43.22
CA ASP D 155 -5.71 12.23 -44.33
C ASP D 155 -6.40 13.59 -44.26
N GLY D 156 -5.70 14.62 -44.71
CA GLY D 156 -6.29 15.92 -44.98
C GLY D 156 -6.73 16.85 -43.86
N SER D 157 -7.44 16.31 -42.88
CA SER D 157 -8.24 17.14 -41.98
C SER D 157 -7.39 18.17 -41.23
N LEU D 158 -6.34 17.71 -40.56
CA LEU D 158 -5.68 18.52 -39.56
C LEU D 158 -4.29 18.86 -40.05
N ARG D 159 -3.74 19.97 -39.57
CA ARG D 159 -2.41 20.36 -40.02
C ARG D 159 -1.36 19.35 -39.58
N ASN D 160 -0.28 19.24 -40.36
CA ASN D 160 0.78 18.26 -40.11
C ASN D 160 1.59 18.71 -38.89
N VAL D 161 1.04 18.46 -37.71
CA VAL D 161 1.69 18.81 -36.46
C VAL D 161 2.05 17.53 -35.72
N ASP D 162 2.78 17.68 -34.62
CA ASP D 162 3.18 16.53 -33.81
C ASP D 162 1.94 15.95 -33.13
N ASP D 163 1.52 14.77 -33.58
CA ASP D 163 0.31 14.17 -33.03
C ASP D 163 0.44 13.81 -31.56
N ALA D 164 1.65 13.59 -31.06
CA ALA D 164 1.81 13.28 -29.64
C ALA D 164 1.55 14.51 -28.78
N LEU D 165 2.17 15.65 -29.13
CA LEU D 165 1.95 16.88 -28.39
C LEU D 165 0.52 17.39 -28.58
N ALA D 166 -0.03 17.23 -29.78
CA ALA D 166 -1.41 17.63 -30.02
C ALA D 166 -2.36 16.87 -29.11
N THR D 167 -2.16 15.56 -28.97
CA THR D 167 -2.95 14.78 -28.03
C THR D 167 -2.75 15.28 -26.60
N ARG D 168 -1.49 15.45 -26.21
CA ARG D 168 -1.19 15.90 -24.85
C ARG D 168 -1.82 17.24 -24.56
N THR D 169 -1.65 18.19 -25.49
CA THR D 169 -2.33 19.47 -25.34
C THR D 169 -3.83 19.26 -25.31
N LEU D 170 -4.41 18.80 -26.43
CA LEU D 170 -5.86 18.82 -26.62
C LEU D 170 -6.62 18.31 -25.41
N LEU D 171 -6.24 17.14 -24.90
CA LEU D 171 -6.92 16.57 -23.75
C LEU D 171 -6.75 17.45 -22.52
N SER D 172 -5.56 18.02 -22.33
CA SER D 172 -5.36 18.93 -21.21
C SER D 172 -6.18 20.21 -21.39
N ASN D 173 -6.29 20.73 -22.62
CA ASN D 173 -7.22 21.83 -22.83
C ASN D 173 -8.66 21.36 -22.65
N LEU D 174 -8.98 20.15 -23.12
CA LEU D 174 -10.34 19.63 -22.98
C LEU D 174 -10.76 19.59 -21.52
N ASN D 175 -9.84 19.25 -20.62
CA ASN D 175 -10.15 19.14 -19.20
C ASN D 175 -9.98 20.45 -18.44
N ALA D 176 -9.17 21.37 -18.95
CA ALA D 176 -8.91 22.65 -18.30
C ALA D 176 -10.20 23.43 -18.06
N VAL D 177 -11.30 23.01 -18.70
CA VAL D 177 -12.61 23.57 -18.45
C VAL D 177 -13.03 23.44 -16.99
N ASP D 178 -12.40 22.54 -16.22
CA ASP D 178 -12.75 22.41 -14.81
C ASP D 178 -12.45 23.69 -14.03
N VAL D 179 -11.53 24.51 -14.52
CA VAL D 179 -11.15 25.73 -13.79
C VAL D 179 -12.29 26.73 -13.77
N TRP D 180 -12.68 27.21 -14.95
CA TRP D 180 -13.59 28.34 -15.05
C TRP D 180 -15.06 27.95 -15.07
N TYR D 181 -15.38 26.66 -15.11
CA TYR D 181 -16.77 26.23 -15.17
C TYR D 181 -17.30 25.95 -13.77
N ARG D 182 -18.45 26.54 -13.46
CA ARG D 182 -19.28 26.14 -12.33
C ARG D 182 -20.65 25.84 -12.92
N LYS D 183 -21.67 25.57 -12.11
CA LYS D 183 -22.93 25.07 -12.65
C LYS D 183 -24.07 25.98 -12.22
N ILE D 184 -24.76 26.56 -13.23
CA ILE D 184 -25.98 27.31 -12.96
C ILE D 184 -27.01 26.38 -12.34
N GLU D 185 -27.64 26.85 -11.27
CA GLU D 185 -28.68 26.06 -10.62
C GLU D 185 -29.78 25.74 -11.62
N GLY D 186 -30.12 24.46 -11.72
CA GLY D 186 -31.03 24.02 -12.75
C GLY D 186 -30.46 24.24 -14.13
N GLN D 187 -29.37 23.55 -14.45
CA GLN D 187 -28.79 23.58 -15.78
C GLN D 187 -29.77 22.96 -16.78
N THR D 188 -29.48 23.17 -18.07
CA THR D 188 -30.15 22.44 -19.13
C THR D 188 -29.08 21.94 -20.10
N GLU D 189 -29.20 20.69 -20.53
CA GLU D 189 -28.19 20.12 -21.42
C GLU D 189 -28.20 20.78 -22.79
N LYS D 190 -29.30 21.44 -23.16
CA LYS D 190 -29.30 22.23 -24.38
C LYS D 190 -28.36 23.43 -24.28
N GLU D 191 -28.38 24.11 -23.12
CA GLU D 191 -27.44 25.19 -22.90
C GLU D 191 -26.00 24.69 -22.88
N VAL D 192 -25.77 23.49 -22.35
CA VAL D 192 -24.41 23.02 -22.19
C VAL D 192 -23.84 22.52 -23.51
N HIS D 193 -24.67 21.97 -24.41
CA HIS D 193 -24.13 21.53 -25.70
C HIS D 193 -23.61 22.71 -26.50
N ASP D 194 -24.32 23.84 -26.45
CA ASP D 194 -23.85 25.02 -27.17
C ASP D 194 -22.56 25.56 -26.56
N LEU D 195 -22.47 25.60 -25.24
CA LEU D 195 -21.24 26.06 -24.59
C LEU D 195 -20.10 25.10 -24.85
N ALA D 196 -20.35 23.80 -24.81
CA ALA D 196 -19.29 22.82 -25.06
C ALA D 196 -18.73 22.95 -26.47
N SER D 197 -19.61 23.14 -27.45
CA SER D 197 -19.15 23.36 -28.82
C SER D 197 -18.46 24.70 -28.96
N GLN D 198 -18.86 25.70 -28.17
CA GLN D 198 -18.12 26.95 -28.13
C GLN D 198 -16.70 26.72 -27.64
N VAL D 199 -16.55 25.99 -26.53
CA VAL D 199 -15.22 25.68 -26.01
C VAL D 199 -14.41 24.91 -27.04
N VAL D 200 -15.02 23.89 -27.64
CA VAL D 200 -14.33 23.05 -28.61
C VAL D 200 -13.94 23.86 -29.85
N ASP D 201 -14.77 24.83 -30.23
CA ASP D 201 -14.50 25.65 -31.41
C ASP D 201 -13.14 26.34 -31.31
N LEU D 202 -12.76 26.78 -30.10
CA LEU D 202 -11.48 27.46 -29.93
C LEU D 202 -10.32 26.52 -29.65
N LEU D 203 -10.58 25.24 -29.33
CA LEU D 203 -9.49 24.32 -29.09
C LEU D 203 -8.95 23.73 -30.39
N ILE D 204 -9.86 23.37 -31.29
CA ILE D 204 -9.47 22.91 -32.62
C ILE D 204 -9.34 24.06 -33.60
N GLY D 205 -10.14 25.11 -33.46
CA GLY D 205 -10.05 26.24 -34.36
C GLY D 205 -8.99 27.26 -33.96
N GLY D 206 -8.66 27.30 -32.68
CA GLY D 206 -7.70 28.27 -32.20
C GLY D 206 -8.16 29.69 -32.48
N ILE D 207 -7.19 30.59 -32.67
CA ILE D 207 -7.47 31.97 -33.01
C ILE D 207 -6.72 32.29 -34.31
N GLY D 208 -6.86 33.53 -34.78
CA GLY D 208 -6.02 34.03 -35.85
C GLY D 208 -6.67 34.19 -37.20
N ALA D 209 -6.25 33.37 -38.16
CA ALA D 209 -6.70 33.49 -39.55
C ALA D 209 -7.57 32.30 -39.94
#